data_1R9I
#
_entry.id   1R9I
#
_entity_poly.entity_id   1
_entity_poly.type   'polypeptide(L)'
_entity_poly.pdbx_seq_one_letter_code
;(PCA)RLCCGF(HYP)KSCRSRQCK(HYP)HRC(CY3)
;
_entity_poly.pdbx_strand_id   A
#
# COMPACT_ATOMS: atom_id res chain seq x y z
N PCA A 1 -10.85 2.48 0.55
CA PCA A 1 -10.85 1.18 1.24
CB PCA A 1 -11.15 0.12 0.15
CG PCA A 1 -11.65 0.88 -1.07
CD PCA A 1 -11.13 2.28 -0.87
OE PCA A 1 -10.96 3.09 -1.75
C PCA A 1 -9.51 0.91 1.96
O PCA A 1 -8.72 1.81 2.12
H PCA A 1 -10.68 3.39 1.01
HA PCA A 1 -11.65 1.17 1.97
HB2 PCA A 1 -11.89 -0.57 0.51
HB3 PCA A 1 -10.26 -0.45 -0.08
HG2 PCA A 1 -12.74 0.88 -1.09
HG3 PCA A 1 -11.26 0.45 -1.97
N ARG A 2 -9.33 -0.32 2.35
CA ARG A 2 -8.09 -0.74 3.07
C ARG A 2 -7.02 -1.12 2.03
N LEU A 3 -6.88 -0.28 1.03
CA LEU A 3 -5.89 -0.49 -0.07
C LEU A 3 -4.40 -0.55 0.37
N CYS A 4 -3.59 0.18 -0.33
CA CYS A 4 -2.12 0.28 -0.10
C CYS A 4 -1.64 0.16 1.34
N CYS A 5 -2.19 0.98 2.20
CA CYS A 5 -1.77 0.93 3.63
C CYS A 5 -2.69 0.05 4.47
N GLY A 6 -3.88 -0.22 3.98
CA GLY A 6 -4.84 -1.07 4.73
C GLY A 6 -4.30 -2.50 4.77
N PHE A 7 -4.12 -3.06 3.59
CA PHE A 7 -3.58 -4.45 3.46
C PHE A 7 -2.47 -4.53 2.39
N HYP A 8 -1.53 -5.42 2.63
CA HYP A 8 -0.25 -5.45 1.89
C HYP A 8 -0.42 -5.85 0.41
O HYP A 8 0.52 -5.71 -0.35
CB HYP A 8 0.63 -6.42 2.67
CG HYP A 8 -0.36 -7.35 3.27
CD HYP A 8 -1.56 -6.51 3.62
OD1 HYP A 8 0.18 -7.95 4.45
HA HYP A 8 0.22 -4.47 1.91
HB2 HYP A 8 1.20 -5.88 3.42
HB3 HYP A 8 1.32 -6.92 2.02
HG HYP A 8 -0.62 -8.12 2.56
HD22 HYP A 8 -1.49 -6.12 4.62
HD23 HYP A 8 -2.46 -7.11 3.51
HD1 HYP A 8 -0.49 -8.51 4.83
N LYS A 9 -1.60 -6.32 0.08
CA LYS A 9 -1.84 -6.73 -1.33
C LYS A 9 -1.72 -5.52 -2.25
N SER A 10 -2.12 -4.35 -1.78
CA SER A 10 -2.01 -3.15 -2.66
C SER A 10 -0.57 -2.60 -2.67
N CYS A 11 0.20 -2.87 -1.63
CA CYS A 11 1.62 -2.37 -1.57
C CYS A 11 2.51 -2.79 -2.75
N ARG A 12 2.04 -3.72 -3.53
CA ARG A 12 2.83 -4.21 -4.70
C ARG A 12 2.71 -3.21 -5.87
N SER A 13 1.85 -2.24 -5.68
CA SER A 13 1.61 -1.19 -6.72
C SER A 13 2.70 -0.10 -6.63
N ARG A 14 2.93 0.53 -7.75
CA ARG A 14 3.96 1.61 -7.84
C ARG A 14 3.60 2.77 -6.89
N GLN A 15 2.33 3.12 -6.93
CA GLN A 15 1.79 4.23 -6.08
C GLN A 15 1.72 3.83 -4.60
N CYS A 16 1.45 2.58 -4.33
CA CYS A 16 1.36 2.10 -2.92
C CYS A 16 2.70 1.84 -2.21
N LYS A 17 3.71 1.48 -2.99
CA LYS A 17 5.07 1.19 -2.43
C LYS A 17 5.55 2.17 -1.34
N HYP A 18 5.44 3.47 -1.57
CA HYP A 18 6.08 4.47 -0.69
C HYP A 18 5.23 4.87 0.53
O HYP A 18 5.48 5.90 1.13
CB HYP A 18 6.39 5.63 -1.63
CG HYP A 18 5.39 5.51 -2.75
CD HYP A 18 4.73 4.16 -2.65
OD1 HYP A 18 6.04 5.65 -4.01
HA HYP A 18 7.03 4.10 -0.31
HB2 HYP A 18 7.42 5.54 -1.99
HB3 HYP A 18 6.31 6.57 -1.12
HG HYP A 18 4.66 6.30 -2.65
HD22 HYP A 18 4.79 3.63 -3.59
HD23 HYP A 18 3.70 4.29 -2.37
HD1 HYP A 18 5.44 5.32 -4.69
N HIS A 19 4.25 4.06 0.87
CA HIS A 19 3.37 4.38 2.03
C HIS A 19 4.03 3.95 3.35
N ARG A 20 3.51 4.47 4.44
CA ARG A 20 4.04 4.14 5.79
C ARG A 20 3.85 2.66 6.13
N CYS A 21 2.81 2.08 5.58
CA CYS A 21 2.50 0.65 5.83
C CYS A 21 3.27 -0.24 4.84
N CY3 A 22 3.74 0.38 3.79
CA CY3 A 22 4.51 -0.33 2.73
C CY3 A 22 5.96 0.15 2.81
O CY3 A 22 6.80 -0.20 2.01
CB CY3 A 22 3.89 0.03 1.37
SG CY3 A 22 2.12 -0.23 1.11
N1 CY3 A 22 6.28 0.96 3.78
H CY3 A 22 3.61 1.35 3.69
HA CY3 A 22 4.47 -1.39 2.89
HB2 CY3 A 22 4.42 -0.51 0.60
HB3 CY3 A 22 4.08 1.09 1.20
HN11 CY3 A 22 5.60 1.23 4.43
HN12 CY3 A 22 7.18 1.29 3.87
N PCA A 1 -11.42 2.04 4.35
CA PCA A 1 -10.05 2.44 4.73
CB PCA A 1 -9.59 1.47 5.82
CG PCA A 1 -10.73 0.48 6.08
CD PCA A 1 -11.88 0.98 5.23
OE PCA A 1 -13.01 0.53 5.28
C PCA A 1 -9.10 2.44 3.54
O PCA A 1 -9.47 2.09 2.43
H PCA A 1 -11.96 2.45 3.58
HA PCA A 1 -10.09 3.44 5.15
HB2 PCA A 1 -9.33 2.02 6.71
HB3 PCA A 1 -8.69 0.95 5.49
HG2 PCA A 1 -11.01 0.49 7.12
HG3 PCA A 1 -10.43 -0.51 5.78
N ARG A 2 -7.88 2.84 3.81
CA ARG A 2 -6.83 2.90 2.76
C ARG A 2 -6.42 1.46 2.40
N LEU A 3 -6.50 1.19 1.12
CA LEU A 3 -6.14 -0.17 0.59
C LEU A 3 -4.71 -0.48 1.02
N CYS A 4 -3.78 0.19 0.40
CA CYS A 4 -2.31 0.06 0.67
C CYS A 4 -2.04 -0.16 2.16
N CYS A 5 -2.55 0.79 2.93
CA CYS A 5 -2.38 0.76 4.41
C CYS A 5 -3.56 0.00 5.03
N GLY A 6 -3.77 -1.18 4.53
CA GLY A 6 -4.88 -2.06 5.01
C GLY A 6 -4.62 -3.52 4.62
N PHE A 7 -4.08 -3.70 3.44
CA PHE A 7 -3.76 -5.07 2.94
C PHE A 7 -2.71 -5.06 1.81
N HYP A 8 -1.87 -6.07 1.80
CA HYP A 8 -0.61 -6.06 1.03
C HYP A 8 -0.83 -6.10 -0.48
O HYP A 8 0.12 -5.87 -1.22
CB HYP A 8 0.16 -7.27 1.55
CG HYP A 8 -0.93 -8.21 1.93
CD HYP A 8 -2.02 -7.36 2.51
OD1 HYP A 8 -0.45 -9.15 2.89
HA HYP A 8 -0.04 -5.18 1.27
HB2 HYP A 8 0.78 -6.98 2.40
HB3 HYP A 8 0.80 -7.68 0.79
HG HYP A 8 -1.28 -8.74 1.05
HD22 HYP A 8 -1.87 -7.23 3.57
HD23 HYP A 8 -2.99 -7.81 2.31
HD1 HYP A 8 -1.18 -9.74 3.10
N LYS A 9 -2.04 -6.38 -0.88
CA LYS A 9 -2.34 -6.44 -2.35
C LYS A 9 -2.06 -5.07 -2.95
N SER A 10 -2.41 -4.02 -2.24
CA SER A 10 -2.14 -2.67 -2.80
C SER A 10 -0.67 -2.32 -2.55
N CYS A 11 -0.14 -2.64 -1.39
CA CYS A 11 1.31 -2.32 -1.12
C CYS A 11 2.27 -2.91 -2.16
N ARG A 12 1.81 -3.91 -2.87
CA ARG A 12 2.66 -4.56 -3.90
C ARG A 12 2.65 -3.76 -5.23
N SER A 13 2.13 -2.55 -5.17
CA SER A 13 2.06 -1.68 -6.39
C SER A 13 3.00 -0.48 -6.22
N ARG A 14 3.25 0.18 -7.32
CA ARG A 14 4.15 1.39 -7.33
C ARG A 14 3.47 2.56 -6.60
N GLN A 15 2.18 2.63 -6.75
CA GLN A 15 1.37 3.73 -6.12
C GLN A 15 1.50 3.66 -4.59
N CYS A 16 1.37 2.47 -4.07
CA CYS A 16 1.47 2.25 -2.60
C CYS A 16 2.90 2.12 -2.07
N LYS A 17 3.83 1.86 -2.97
CA LYS A 17 5.26 1.70 -2.58
C LYS A 17 5.81 2.80 -1.62
N HYP A 18 5.67 4.06 -1.94
CA HYP A 18 6.30 5.16 -1.18
C HYP A 18 5.66 5.43 0.21
O HYP A 18 6.15 6.30 0.92
CB HYP A 18 6.23 6.35 -2.11
CG HYP A 18 4.94 6.11 -2.83
CD HYP A 18 4.89 4.63 -3.07
OD1 HYP A 18 4.93 6.82 -4.07
HA HYP A 18 7.35 4.94 -1.01
HB2 HYP A 18 7.08 6.36 -2.77
HB3 HYP A 18 6.22 7.28 -1.56
HG HYP A 18 4.11 6.42 -2.22
HD22 HYP A 18 5.37 4.40 -4.02
HD23 HYP A 18 3.88 4.29 -3.06
HD1 HYP A 18 4.21 6.48 -4.60
N HIS A 19 4.62 4.72 0.54
CA HIS A 19 3.95 4.94 1.86
C HIS A 19 4.67 4.22 2.99
N ARG A 20 4.68 4.86 4.14
CA ARG A 20 5.34 4.30 5.34
C ARG A 20 4.59 3.05 5.84
N CYS A 21 3.35 2.93 5.42
CA CYS A 21 2.52 1.76 5.84
C CYS A 21 3.05 0.51 5.12
N CY3 A 22 3.58 0.77 3.95
CA CY3 A 22 4.16 -0.28 3.08
C CY3 A 22 5.68 -0.10 3.11
O CY3 A 22 6.44 -0.86 2.53
CB CY3 A 22 3.61 -0.10 1.67
SG CY3 A 22 1.81 -0.12 1.39
N1 CY3 A 22 6.15 0.93 3.75
H CY3 A 22 3.60 1.69 3.63
HA CY3 A 22 3.92 -1.27 3.47
HB2 CY3 A 22 4.04 -0.85 1.03
HB3 CY3 A 22 3.96 0.86 1.31
HN11 CY3 A 22 5.54 1.53 4.21
HN12 CY3 A 22 7.11 1.12 3.80
N PCA A 1 -9.39 5.94 -0.18
CA PCA A 1 -9.43 4.63 0.50
CB PCA A 1 -10.31 3.74 -0.37
CG PCA A 1 -10.26 4.34 -1.78
CD PCA A 1 -10.01 5.80 -1.50
OE PCA A 1 -10.28 6.71 -2.26
C PCA A 1 -8.02 4.07 0.69
O PCA A 1 -7.19 4.20 -0.19
H PCA A 1 -9.00 6.82 0.20
HA PCA A 1 -9.89 4.77 1.46
HB2 PCA A 1 -11.32 3.74 0.01
HB3 PCA A 1 -9.96 2.72 -0.36
HG2 PCA A 1 -11.19 4.20 -2.28
HG3 PCA A 1 -9.44 3.92 -2.34
N ARG A 2 -7.80 3.47 1.84
CA ARG A 2 -6.48 2.87 2.17
C ARG A 2 -6.41 1.38 1.81
N LEU A 3 -6.10 1.12 0.56
CA LEU A 3 -6.00 -0.30 0.08
C LEU A 3 -4.61 -0.80 0.50
N CYS A 4 -3.63 -0.04 0.07
CA CYS A 4 -2.19 -0.28 0.34
C CYS A 4 -1.92 -0.55 1.83
N CYS A 5 -2.26 0.45 2.62
CA CYS A 5 -2.07 0.37 4.09
C CYS A 5 -3.05 -0.60 4.74
N GLY A 6 -4.29 -0.51 4.31
CA GLY A 6 -5.36 -1.41 4.86
C GLY A 6 -4.99 -2.89 4.71
N PHE A 7 -4.34 -3.19 3.61
CA PHE A 7 -3.92 -4.58 3.31
C PHE A 7 -2.78 -4.64 2.24
N HYP A 8 -1.80 -5.47 2.50
CA HYP A 8 -0.53 -5.47 1.75
C HYP A 8 -0.70 -5.91 0.29
O HYP A 8 0.25 -5.87 -0.45
CB HYP A 8 0.38 -6.38 2.55
CG HYP A 8 -0.55 -7.33 3.21
CD HYP A 8 -1.77 -6.51 3.56
OD1 HYP A 8 0.04 -7.87 4.39
HA HYP A 8 -0.10 -4.48 1.75
HB2 HYP A 8 0.96 -5.80 3.27
HB3 HYP A 8 1.09 -6.89 1.91
HG HYP A 8 -0.82 -8.12 2.53
HD22 HYP A 8 -1.66 -6.06 4.54
HD23 HYP A 8 -2.66 -7.12 3.52
HD1 HYP A 8 0.51 -8.67 4.14
N LYS A 9 -1.89 -6.33 -0.06
CA LYS A 9 -2.14 -6.78 -1.45
C LYS A 9 -1.91 -5.58 -2.39
N SER A 10 -2.27 -4.40 -1.97
CA SER A 10 -2.04 -3.24 -2.89
C SER A 10 -0.60 -2.72 -2.79
N CYS A 11 0.10 -3.07 -1.73
CA CYS A 11 1.52 -2.59 -1.57
C CYS A 11 2.47 -3.01 -2.72
N ARG A 12 2.00 -3.90 -3.57
CA ARG A 12 2.84 -4.38 -4.71
C ARG A 12 2.83 -3.33 -5.84
N SER A 13 1.91 -2.40 -5.74
CA SER A 13 1.77 -1.32 -6.76
C SER A 13 2.72 -0.16 -6.46
N ARG A 14 3.23 0.43 -7.51
CA ARG A 14 4.18 1.58 -7.38
C ARG A 14 3.55 2.70 -6.54
N GLN A 15 2.28 2.94 -6.79
CA GLN A 15 1.53 4.00 -6.05
C GLN A 15 1.58 3.75 -4.53
N CYS A 16 1.58 2.49 -4.16
CA CYS A 16 1.63 2.12 -2.72
C CYS A 16 3.03 2.06 -2.11
N LYS A 17 4.04 1.87 -2.93
CA LYS A 17 5.45 1.80 -2.41
C LYS A 17 5.83 2.97 -1.46
N HYP A 18 5.57 4.20 -1.82
CA HYP A 18 5.97 5.36 -0.98
C HYP A 18 5.21 5.46 0.36
O HYP A 18 5.45 6.39 1.11
CB HYP A 18 5.76 6.57 -1.88
CG HYP A 18 4.69 6.15 -2.82
CD HYP A 18 4.90 4.67 -3.05
OD1 HYP A 18 4.81 6.85 -4.05
HA HYP A 18 7.02 5.30 -0.75
HB2 HYP A 18 6.68 6.82 -2.39
HB3 HYP A 18 5.46 7.44 -1.30
HG HYP A 18 3.71 6.33 -2.39
HD22 HYP A 18 5.52 4.52 -3.92
HD23 HYP A 18 3.94 4.21 -3.18
HD1 HYP A 18 4.66 6.24 -4.77
N HIS A 19 4.33 4.51 0.62
CA HIS A 19 3.55 4.52 1.88
C HIS A 19 4.39 3.92 2.99
N ARG A 20 4.36 4.58 4.13
CA ARG A 20 5.14 4.11 5.32
C ARG A 20 4.52 2.81 5.85
N CYS A 21 3.30 2.55 5.42
CA CYS A 21 2.57 1.32 5.86
C CYS A 21 3.19 0.12 5.12
N CY3 A 22 3.63 0.42 3.91
CA CY3 A 22 4.26 -0.59 3.02
C CY3 A 22 5.77 -0.30 3.07
O CY3 A 22 6.59 -1.01 2.55
CB CY3 A 22 3.75 -0.40 1.59
SG CY3 A 22 1.97 -0.52 1.24
N1 CY3 A 22 6.16 0.79 3.69
H CY3 A 22 3.54 1.35 3.59
HA CY3 A 22 4.07 -1.58 3.39
HB2 CY3 A 22 4.24 -1.12 0.96
HB3 CY3 A 22 4.05 0.58 1.26
HN11 CY3 A 22 5.48 1.37 4.11
HN12 CY3 A 22 7.10 1.05 3.75
N PCA A 1 -9.58 5.47 3.13
CA PCA A 1 -9.25 4.58 2.00
CB PCA A 1 -9.33 5.48 0.75
CG PCA A 1 -9.12 6.91 1.24
CD PCA A 1 -9.59 6.86 2.67
OE PCA A 1 -9.94 7.82 3.32
C PCA A 1 -7.88 3.92 2.19
O PCA A 1 -6.89 4.34 1.61
H PCA A 1 -9.77 5.16 4.10
HA PCA A 1 -10.00 3.82 1.93
HB2 PCA A 1 -10.29 5.37 0.27
HB3 PCA A 1 -8.58 5.20 0.01
HG2 PCA A 1 -9.72 7.60 0.66
HG3 PCA A 1 -8.07 7.18 1.20
N ARG A 2 -7.87 2.91 3.02
CA ARG A 2 -6.61 2.17 3.31
C ARG A 2 -6.54 0.89 2.48
N LEU A 3 -6.01 1.03 1.29
CA LEU A 3 -5.88 -0.14 0.38
C LEU A 3 -4.55 -0.82 0.69
N CYS A 4 -3.50 -0.10 0.37
CA CYS A 4 -2.09 -0.51 0.57
C CYS A 4 -1.80 -0.91 2.02
N CYS A 5 -2.05 0.03 2.89
CA CYS A 5 -1.81 -0.18 4.35
C CYS A 5 -2.85 -1.11 4.97
N GLY A 6 -4.08 -0.96 4.54
CA GLY A 6 -5.19 -1.81 5.08
C GLY A 6 -4.95 -3.28 4.72
N PHE A 7 -4.42 -3.51 3.56
CA PHE A 7 -4.13 -4.90 3.09
C PHE A 7 -3.09 -4.99 1.95
N HYP A 8 -2.23 -5.98 2.06
CA HYP A 8 -0.99 -6.04 1.27
C HYP A 8 -1.24 -6.23 -0.24
O HYP A 8 -0.29 -6.18 -1.01
CB HYP A 8 -0.19 -7.18 1.89
CG HYP A 8 -1.26 -8.08 2.43
CD HYP A 8 -2.33 -7.16 2.94
OD1 HYP A 8 -0.73 -8.89 3.47
HA HYP A 8 -0.43 -5.13 1.40
HB2 HYP A 8 0.45 -6.79 2.66
HB3 HYP A 8 0.42 -7.67 1.16
HG HYP A 8 -1.64 -8.70 1.64
HD22 HYP A 8 -2.13 -6.89 3.97
HD23 HYP A 8 -3.30 -7.63 2.85
HD1 HYP A 8 -0.39 -8.30 4.15
N LYS A 9 -2.47 -6.46 -0.60
CA LYS A 9 -2.79 -6.66 -2.05
C LYS A 9 -2.47 -5.38 -2.83
N SER A 10 -2.72 -4.23 -2.24
CA SER A 10 -2.41 -2.98 -2.98
C SER A 10 -0.95 -2.60 -2.75
N CYS A 11 -0.48 -2.88 -1.55
CA CYS A 11 0.93 -2.59 -1.10
C CYS A 11 2.03 -3.02 -2.10
N ARG A 12 1.69 -3.92 -2.98
CA ARG A 12 2.64 -4.44 -4.01
C ARG A 12 2.83 -3.49 -5.21
N SER A 13 2.01 -2.46 -5.29
CA SER A 13 2.10 -1.48 -6.42
C SER A 13 3.08 -0.34 -6.13
N ARG A 14 3.59 0.22 -7.20
CA ARG A 14 4.56 1.36 -7.08
C ARG A 14 3.85 2.52 -6.37
N GLN A 15 2.56 2.61 -6.63
CA GLN A 15 1.71 3.68 -6.03
C GLN A 15 1.77 3.56 -4.50
N CYS A 16 1.77 2.33 -4.03
CA CYS A 16 1.83 2.07 -2.57
C CYS A 16 3.23 2.15 -1.96
N LYS A 17 4.26 1.95 -2.75
CA LYS A 17 5.65 2.02 -2.19
C LYS A 17 5.95 3.30 -1.35
N HYP A 18 5.59 4.48 -1.84
CA HYP A 18 5.84 5.74 -1.10
C HYP A 18 5.06 5.86 0.23
O HYP A 18 5.25 6.83 0.94
CB HYP A 18 5.47 6.84 -2.10
CG HYP A 18 4.49 6.18 -3.00
CD HYP A 18 4.94 4.77 -3.14
OD1 HYP A 18 4.46 6.82 -4.27
HA HYP A 18 6.89 5.84 -0.88
HB2 HYP A 18 6.35 7.17 -2.63
HB3 HYP A 18 5.04 7.69 -1.59
HG HYP A 18 3.51 6.23 -2.55
HD22 HYP A 18 5.63 4.66 -3.96
HD23 HYP A 18 4.08 4.14 -3.29
HD1 HYP A 18 3.97 6.26 -4.87
N HIS A 19 4.24 4.88 0.54
CA HIS A 19 3.46 4.92 1.82
C HIS A 19 4.37 4.45 2.94
N ARG A 20 4.20 5.01 4.11
CA ARG A 20 5.05 4.60 5.28
C ARG A 20 4.73 3.16 5.72
N CYS A 21 3.59 2.68 5.30
CA CYS A 21 3.15 1.29 5.65
C CYS A 21 3.80 0.28 4.69
N CY3 A 22 4.21 0.78 3.55
CA CY3 A 22 4.86 -0.05 2.49
C CY3 A 22 6.01 0.72 1.85
O CY3 A 22 6.28 0.62 0.67
CB CY3 A 22 3.73 -0.42 1.49
SG CY3 A 22 2.48 -1.51 2.24
N1 CY3 A 22 6.71 1.50 2.62
H CY3 A 22 4.09 1.73 3.37
HA CY3 A 22 5.25 -0.96 2.94
HB2 CY3 A 22 4.14 -0.88 0.61
HB3 CY3 A 22 3.23 0.48 1.19
HN11 CY3 A 22 6.47 1.58 3.57
HN12 CY3 A 22 7.45 2.02 2.25
N PCA A 1 -9.24 5.79 1.28
CA PCA A 1 -9.10 4.53 2.04
CB PCA A 1 -9.96 3.50 1.30
CG PCA A 1 -10.93 4.29 0.43
CD PCA A 1 -10.23 5.60 0.22
OE PCA A 1 -10.46 6.38 -0.68
C PCA A 1 -7.63 4.09 2.12
O PCA A 1 -6.85 4.36 1.23
H PCA A 1 -8.74 6.67 1.48
HA PCA A 1 -9.48 4.68 3.03
HB2 PCA A 1 -10.49 2.89 2.02
HB3 PCA A 1 -9.35 2.84 0.70
HG2 PCA A 1 -11.87 4.43 0.94
HG3 PCA A 1 -11.08 3.78 -0.51
N ARG A 2 -7.31 3.45 3.22
CA ARG A 2 -5.91 2.96 3.45
C ARG A 2 -5.82 1.53 2.88
N LEU A 3 -5.99 1.43 1.59
CA LEU A 3 -5.93 0.11 0.89
C LEU A 3 -4.57 -0.60 1.08
N CYS A 4 -3.52 0.11 0.73
CA CYS A 4 -2.11 -0.37 0.83
C CYS A 4 -1.80 -0.90 2.24
N CYS A 5 -1.91 -0.01 3.19
CA CYS A 5 -1.64 -0.32 4.63
C CYS A 5 -2.56 -1.43 5.16
N GLY A 6 -3.83 -1.24 4.90
CA GLY A 6 -4.88 -2.20 5.35
C GLY A 6 -4.69 -3.60 4.76
N PHE A 7 -4.19 -3.66 3.56
CA PHE A 7 -3.98 -4.98 2.90
C PHE A 7 -2.98 -5.00 1.71
N HYP A 8 -2.24 -6.09 1.64
CA HYP A 8 -1.07 -6.20 0.76
C HYP A 8 -1.42 -6.18 -0.73
O HYP A 8 -0.53 -6.13 -1.56
CB HYP A 8 -0.39 -7.51 1.18
CG HYP A 8 -1.52 -8.33 1.69
CD HYP A 8 -2.43 -7.35 2.39
OD1 HYP A 8 -1.04 -9.30 2.61
HA HYP A 8 -0.38 -5.40 0.96
HB2 HYP A 8 0.35 -7.30 1.95
HB3 HYP A 8 0.11 -7.98 0.35
HG HYP A 8 -2.03 -8.80 0.87
HD22 HYP A 8 -2.15 -7.24 3.42
HD23 HYP A 8 -3.45 -7.69 2.31
HD1 HYP A 8 -0.49 -9.93 2.12
N LYS A 9 -2.70 -6.21 -1.01
CA LYS A 9 -3.16 -6.20 -2.44
C LYS A 9 -2.71 -4.89 -3.08
N SER A 10 -2.75 -3.80 -2.36
CA SER A 10 -2.31 -2.52 -2.98
C SER A 10 -0.83 -2.25 -2.68
N CYS A 11 -0.41 -2.66 -1.50
CA CYS A 11 1.00 -2.48 -1.03
C CYS A 11 2.06 -3.05 -2.00
N ARG A 12 1.62 -3.94 -2.85
CA ARG A 12 2.51 -4.60 -3.85
C ARG A 12 2.79 -3.68 -5.06
N SER A 13 1.97 -2.67 -5.21
CA SER A 13 2.11 -1.70 -6.34
C SER A 13 3.04 -0.54 -5.99
N ARG A 14 3.68 -0.03 -7.03
CA ARG A 14 4.63 1.11 -6.89
C ARG A 14 3.89 2.33 -6.33
N GLN A 15 2.61 2.37 -6.59
CA GLN A 15 1.74 3.48 -6.11
C GLN A 15 1.73 3.48 -4.57
N CYS A 16 1.74 2.29 -4.02
CA CYS A 16 1.73 2.14 -2.53
C CYS A 16 3.10 2.15 -1.86
N LYS A 17 4.14 1.81 -2.58
CA LYS A 17 5.50 1.81 -1.95
C LYS A 17 5.88 3.14 -1.26
N HYP A 18 5.61 4.29 -1.84
CA HYP A 18 5.90 5.59 -1.18
C HYP A 18 5.12 5.82 0.14
O HYP A 18 5.33 6.83 0.79
CB HYP A 18 5.58 6.63 -2.25
CG HYP A 18 4.61 5.96 -3.14
CD HYP A 18 5.03 4.52 -3.17
OD1 HYP A 18 4.63 6.53 -4.44
HA HYP A 18 6.95 5.66 -0.95
HB2 HYP A 18 6.49 6.91 -2.77
HB3 HYP A 18 5.17 7.53 -1.80
HG HYP A 18 3.60 6.05 -2.73
HD22 HYP A 18 5.76 4.35 -3.95
HD23 HYP A 18 4.15 3.92 -3.34
HD1 HYP A 18 5.38 6.15 -4.92
N HIS A 19 4.24 4.91 0.49
CA HIS A 19 3.45 5.07 1.76
C HIS A 19 4.31 4.67 2.95
N ARG A 20 4.02 5.25 4.08
CA ARG A 20 4.78 4.94 5.33
C ARG A 20 4.53 3.48 5.75
N CYS A 21 3.46 2.92 5.23
CA CYS A 21 3.07 1.52 5.52
C CYS A 21 3.81 0.50 4.65
N CY3 A 22 4.22 0.95 3.50
CA CY3 A 22 4.94 0.07 2.52
C CY3 A 22 6.14 0.81 1.94
O CY3 A 22 6.60 0.56 0.84
CB CY3 A 22 3.88 -0.34 1.49
SG CY3 A 22 2.59 -1.36 2.25
N1 CY3 A 22 6.68 1.75 2.68
H CY3 A 22 4.05 1.87 3.25
HA CY3 A 22 5.31 -0.81 3.03
HB2 CY3 A 22 4.33 -0.86 0.67
HB3 CY3 A 22 3.41 0.55 1.09
HN11 CY3 A 22 6.31 1.94 3.56
HN12 CY3 A 22 7.45 2.25 2.36
N PCA A 1 -9.84 5.03 2.89
CA PCA A 1 -9.88 3.57 3.16
CB PCA A 1 -10.54 2.93 1.93
CG PCA A 1 -10.28 3.90 0.79
CD PCA A 1 -10.18 5.23 1.49
OE PCA A 1 -10.36 6.31 0.95
C PCA A 1 -8.48 3.02 3.43
O PCA A 1 -7.50 3.58 2.97
H PCA A 1 -9.62 5.76 3.57
HA PCA A 1 -10.50 3.41 4.04
HB2 PCA A 1 -11.60 2.80 2.12
HB3 PCA A 1 -10.12 1.96 1.75
HG2 PCA A 1 -11.10 3.87 0.08
HG3 PCA A 1 -9.35 3.65 0.29
N ARG A 2 -8.43 1.93 4.16
CA ARG A 2 -7.12 1.30 4.48
C ARG A 2 -6.71 0.44 3.27
N LEU A 3 -6.17 1.11 2.30
CA LEU A 3 -5.70 0.47 1.03
C LEU A 3 -4.38 -0.24 1.36
N CYS A 4 -3.31 0.18 0.73
CA CYS A 4 -1.92 -0.38 0.92
C CYS A 4 -1.66 -0.83 2.38
N CYS A 5 -1.86 0.09 3.28
CA CYS A 5 -1.64 -0.17 4.75
C CYS A 5 -2.59 -1.26 5.31
N GLY A 6 -3.83 -1.21 4.89
CA GLY A 6 -4.84 -2.20 5.36
C GLY A 6 -4.66 -3.61 4.80
N PHE A 7 -4.43 -3.70 3.52
CA PHE A 7 -4.24 -5.05 2.88
C PHE A 7 -3.22 -5.07 1.70
N HYP A 8 -2.48 -6.15 1.66
CA HYP A 8 -1.23 -6.23 0.87
C HYP A 8 -1.47 -6.23 -0.64
O HYP A 8 -0.52 -6.07 -1.38
CB HYP A 8 -0.56 -7.51 1.36
CG HYP A 8 -1.71 -8.38 1.72
CD HYP A 8 -2.73 -7.44 2.34
OD1 HYP A 8 -1.32 -9.38 2.64
HA HYP A 8 -0.59 -5.41 1.13
HB2 HYP A 8 0.08 -7.31 2.20
HB3 HYP A 8 0.05 -7.94 0.58
HG HYP A 8 -2.13 -8.83 0.82
HD22 HYP A 8 -2.55 -7.36 3.40
HD23 HYP A 8 -3.73 -7.80 2.15
HD1 HYP A 8 -0.56 -9.07 3.12
N LYS A 9 -2.71 -6.39 -1.02
CA LYS A 9 -3.05 -6.39 -2.47
C LYS A 9 -2.63 -5.06 -3.09
N SER A 10 -2.79 -3.98 -2.35
CA SER A 10 -2.39 -2.67 -2.92
C SER A 10 -0.90 -2.45 -2.64
N CYS A 11 -0.55 -2.65 -1.40
CA CYS A 11 0.85 -2.50 -0.86
C CYS A 11 1.99 -2.97 -1.78
N ARG A 12 1.69 -3.96 -2.57
CA ARG A 12 2.69 -4.54 -3.53
C ARG A 12 2.78 -3.72 -4.84
N SER A 13 2.26 -2.52 -4.80
CA SER A 13 2.30 -1.63 -6.01
C SER A 13 3.26 -0.45 -5.86
N ARG A 14 3.62 0.09 -7.00
CA ARG A 14 4.55 1.26 -7.08
C ARG A 14 3.79 2.40 -6.36
N GLN A 15 2.51 2.45 -6.64
CA GLN A 15 1.61 3.49 -6.03
C GLN A 15 1.71 3.42 -4.49
N CYS A 16 1.89 2.23 -3.99
CA CYS A 16 2.00 2.05 -2.51
C CYS A 16 3.44 2.16 -1.98
N LYS A 17 4.39 2.10 -2.89
CA LYS A 17 5.83 2.20 -2.48
C LYS A 17 6.12 3.46 -1.61
N HYP A 18 5.64 4.62 -1.99
CA HYP A 18 5.86 5.86 -1.19
C HYP A 18 5.05 5.90 0.13
O HYP A 18 5.17 6.89 0.85
CB HYP A 18 5.50 6.99 -2.15
CG HYP A 18 4.48 6.38 -3.04
CD HYP A 18 4.85 4.94 -3.20
OD1 HYP A 18 4.46 7.04 -4.30
HA HYP A 18 6.90 5.95 -0.94
HB2 HYP A 18 6.38 7.30 -2.69
HB3 HYP A 18 5.12 7.85 -1.61
HG HYP A 18 3.50 6.47 -2.58
HD22 HYP A 18 5.46 4.82 -4.09
HD23 HYP A 18 3.96 4.34 -3.26
HD1 HYP A 18 5.29 6.83 -4.76
N HIS A 19 4.28 4.89 0.42
CA HIS A 19 3.48 4.89 1.69
C HIS A 19 4.37 4.48 2.86
N ARG A 20 4.14 5.07 4.00
CA ARG A 20 4.95 4.72 5.22
C ARG A 20 4.63 3.28 5.64
N CYS A 21 3.50 2.80 5.17
CA CYS A 21 3.04 1.42 5.48
C CYS A 21 3.66 0.39 4.54
N CY3 A 22 4.03 0.88 3.39
CA CY3 A 22 4.66 0.02 2.34
C CY3 A 22 5.76 0.83 1.67
O CY3 A 22 5.87 0.91 0.46
CB CY3 A 22 3.49 -0.36 1.40
SG CY3 A 22 2.26 -1.36 2.28
N1 CY3 A 22 6.57 1.46 2.47
H CY3 A 22 3.93 1.83 3.21
HA CY3 A 22 5.10 -0.86 2.78
HB2 CY3 A 22 3.86 -0.87 0.53
HB3 CY3 A 22 3.00 0.54 1.07
HN11 CY3 A 22 6.46 1.38 3.44
HN12 CY3 A 22 7.30 2.00 2.11
N PCA A 1 -8.25 6.07 -0.95
CA PCA A 1 -8.22 5.19 0.24
CB PCA A 1 -9.17 4.03 -0.08
CG PCA A 1 -9.23 3.94 -1.60
CD PCA A 1 -8.82 5.33 -2.06
OE PCA A 1 -8.96 5.73 -3.20
C PCA A 1 -6.80 4.70 0.56
O PCA A 1 -5.90 4.91 -0.23
H PCA A 1 -7.92 7.05 -0.98
HA PCA A 1 -8.61 5.75 1.09
HB2 PCA A 1 -10.14 4.24 0.35
HB3 PCA A 1 -8.82 3.11 0.36
HG2 PCA A 1 -10.22 3.71 -1.92
HG3 PCA A 1 -8.53 3.20 -1.96
N ARG A 2 -6.67 4.09 1.71
CA ARG A 2 -5.34 3.56 2.15
C ARG A 2 -5.33 2.03 1.99
N LEU A 3 -5.89 1.62 0.88
CA LEU A 3 -5.99 0.17 0.50
C LEU A 3 -4.67 -0.59 0.76
N CYS A 4 -3.61 0.05 0.33
CA CYS A 4 -2.21 -0.43 0.45
C CYS A 4 -1.89 -0.93 1.87
N CYS A 5 -1.93 -0.01 2.80
CA CYS A 5 -1.65 -0.32 4.23
C CYS A 5 -2.72 -1.21 4.85
N GLY A 6 -3.96 -0.93 4.50
CA GLY A 6 -5.12 -1.70 5.02
C GLY A 6 -4.97 -3.19 4.71
N PHE A 7 -4.45 -3.46 3.53
CA PHE A 7 -4.24 -4.86 3.09
C PHE A 7 -3.21 -4.97 1.95
N HYP A 8 -2.35 -5.97 2.07
CA HYP A 8 -1.09 -6.04 1.32
C HYP A 8 -1.30 -6.24 -0.19
O HYP A 8 -0.33 -6.26 -0.93
CB HYP A 8 -0.32 -7.18 1.98
CG HYP A 8 -1.39 -8.08 2.46
CD HYP A 8 -2.49 -7.16 2.93
OD1 HYP A 8 -0.91 -8.89 3.53
HA HYP A 8 -0.53 -5.12 1.46
HB2 HYP A 8 0.29 -6.79 2.79
HB3 HYP A 8 0.34 -7.66 1.28
HG HYP A 8 -1.74 -8.69 1.65
HD22 HYP A 8 -2.34 -6.91 3.97
HD23 HYP A 8 -3.45 -7.63 2.79
HD1 HYP A 8 -0.50 -8.32 4.17
N LYS A 9 -2.54 -6.40 -0.56
CA LYS A 9 -2.86 -6.62 -2.01
C LYS A 9 -2.47 -5.36 -2.79
N SER A 10 -2.67 -4.19 -2.23
CA SER A 10 -2.28 -2.97 -3.00
C SER A 10 -0.85 -2.56 -2.65
N CYS A 11 -0.41 -2.94 -1.47
CA CYS A 11 0.97 -2.63 -0.95
C CYS A 11 2.12 -2.98 -1.92
N ARG A 12 1.86 -3.88 -2.83
CA ARG A 12 2.90 -4.32 -3.83
C ARG A 12 3.04 -3.31 -5.00
N SER A 13 2.07 -2.44 -5.09
CA SER A 13 2.05 -1.40 -6.18
C SER A 13 3.11 -0.31 -5.98
N ARG A 14 3.49 0.24 -7.10
CA ARG A 14 4.50 1.34 -7.15
C ARG A 14 3.84 2.52 -6.43
N GLN A 15 2.60 2.75 -6.77
CA GLN A 15 1.82 3.88 -6.16
C GLN A 15 1.76 3.70 -4.63
N CYS A 16 1.74 2.46 -4.19
CA CYS A 16 1.68 2.17 -2.72
C CYS A 16 3.05 2.16 -2.06
N LYS A 17 4.07 1.96 -2.85
CA LYS A 17 5.46 1.94 -2.31
C LYS A 17 5.81 3.18 -1.43
N HYP A 18 5.52 4.38 -1.88
CA HYP A 18 5.80 5.61 -1.09
C HYP A 18 5.02 5.70 0.24
O HYP A 18 5.24 6.66 0.97
CB HYP A 18 5.49 6.76 -2.04
CG HYP A 18 4.48 6.18 -2.97
CD HYP A 18 4.91 4.76 -3.17
OD1 HYP A 18 4.47 6.87 -4.21
HA HYP A 18 6.85 5.66 -0.86
HB2 HYP A 18 6.39 7.07 -2.56
HB3 HYP A 18 5.10 7.62 -1.52
HG HYP A 18 3.50 6.23 -2.52
HD22 HYP A 18 5.63 4.69 -3.97
HD23 HYP A 18 4.04 4.16 -3.39
HD1 HYP A 18 3.83 6.45 -4.78
N HIS A 19 4.18 4.75 0.52
CA HIS A 19 3.40 4.79 1.80
C HIS A 19 4.30 4.42 2.97
N ARG A 20 4.00 4.96 4.12
CA ARG A 20 4.81 4.67 5.35
C ARG A 20 4.67 3.21 5.79
N CYS A 21 3.64 2.56 5.31
CA CYS A 21 3.37 1.13 5.65
C CYS A 21 4.02 0.17 4.62
N CY3 A 22 4.32 0.70 3.47
CA CY3 A 22 4.94 -0.10 2.37
C CY3 A 22 6.05 0.67 1.67
O CY3 A 22 6.35 0.46 0.52
CB CY3 A 22 3.77 -0.48 1.44
SG CY3 A 22 2.53 -1.52 2.27
N1 CY3 A 22 6.68 1.58 2.36
H CY3 A 22 4.15 1.66 3.30
HA CY3 A 22 5.37 -1.00 2.79
HB2 CY3 A 22 4.14 -0.99 0.56
HB3 CY3 A 22 3.27 0.42 1.11
HN11 CY3 A 22 6.43 1.74 3.29
HN12 CY3 A 22 7.39 2.10 1.95
N PCA A 1 -10.82 4.35 1.75
CA PCA A 1 -10.00 3.49 2.64
CB PCA A 1 -10.80 2.19 2.82
CG PCA A 1 -11.76 2.12 1.64
CD PCA A 1 -11.94 3.56 1.24
OE PCA A 1 -12.87 4.00 0.59
C PCA A 1 -8.61 3.24 2.05
O PCA A 1 -8.49 3.04 0.85
H PCA A 1 -10.63 5.33 1.53
HA PCA A 1 -9.90 3.99 3.59
HB2 PCA A 1 -11.34 2.23 3.76
HB3 PCA A 1 -10.14 1.34 2.85
HG2 PCA A 1 -12.70 1.69 1.94
HG3 PCA A 1 -11.32 1.55 0.83
N ARG A 2 -7.62 3.26 2.91
CA ARG A 2 -6.22 3.04 2.46
C ARG A 2 -6.04 1.55 2.07
N LEU A 3 -6.06 1.32 0.80
CA LEU A 3 -5.90 -0.06 0.25
C LEU A 3 -4.54 -0.70 0.59
N CYS A 4 -3.50 0.00 0.23
CA CYS A 4 -2.08 -0.42 0.45
C CYS A 4 -1.80 -0.85 1.90
N CYS A 5 -1.96 0.09 2.79
CA CYS A 5 -1.71 -0.17 4.25
C CYS A 5 -2.79 -1.06 4.85
N GLY A 6 -4.01 -0.84 4.42
CA GLY A 6 -5.17 -1.64 4.94
C GLY A 6 -5.01 -3.13 4.62
N PHE A 7 -4.46 -3.39 3.45
CA PHE A 7 -4.24 -4.81 3.02
C PHE A 7 -3.18 -4.96 1.89
N HYP A 8 -2.39 -6.01 2.02
CA HYP A 8 -1.15 -6.18 1.23
C HYP A 8 -1.41 -6.36 -0.27
O HYP A 8 -0.45 -6.39 -1.03
CB HYP A 8 -0.46 -7.38 1.87
CG HYP A 8 -1.59 -8.18 2.42
CD HYP A 8 -2.59 -7.17 2.91
OD1 HYP A 8 -1.14 -9.01 3.48
HA HYP A 8 -0.52 -5.32 1.37
HB2 HYP A 8 0.22 -7.05 2.64
HB3 HYP A 8 0.11 -7.93 1.14
HG HYP A 8 -2.02 -8.79 1.63
HD22 HYP A 8 -2.38 -6.91 3.94
HD23 HYP A 8 -3.59 -7.56 2.82
HD1 HYP A 8 -1.89 -9.52 3.79
N LYS A 9 -2.66 -6.47 -0.64
CA LYS A 9 -3.01 -6.65 -2.08
C LYS A 9 -2.55 -5.43 -2.86
N SER A 10 -2.66 -4.25 -2.28
CA SER A 10 -2.22 -3.04 -3.04
C SER A 10 -0.77 -2.70 -2.70
N CYS A 11 -0.42 -2.92 -1.45
CA CYS A 11 0.96 -2.65 -0.89
C CYS A 11 2.16 -2.91 -1.82
N ARG A 12 2.05 -3.89 -2.67
CA ARG A 12 3.17 -4.23 -3.61
C ARG A 12 3.02 -3.47 -4.94
N SER A 13 2.32 -2.37 -4.87
CA SER A 13 2.07 -1.50 -6.07
C SER A 13 3.00 -0.29 -6.02
N ARG A 14 3.36 0.20 -7.18
CA ARG A 14 4.25 1.39 -7.28
C ARG A 14 3.62 2.56 -6.53
N GLN A 15 2.31 2.62 -6.63
CA GLN A 15 1.52 3.70 -5.95
C GLN A 15 1.64 3.55 -4.44
N CYS A 16 1.77 2.32 -4.00
CA CYS A 16 1.90 2.02 -2.55
C CYS A 16 3.35 2.12 -2.01
N LYS A 17 4.31 2.12 -2.89
CA LYS A 17 5.74 2.21 -2.43
C LYS A 17 6.01 3.45 -1.53
N HYP A 18 5.54 4.62 -1.93
CA HYP A 18 5.73 5.85 -1.11
C HYP A 18 4.96 5.84 0.23
O HYP A 18 5.04 6.80 0.96
CB HYP A 18 5.31 6.99 -2.03
CG HYP A 18 4.31 6.36 -2.94
CD HYP A 18 4.80 4.96 -3.16
OD1 HYP A 18 4.25 7.06 -4.18
HA HYP A 18 6.78 5.99 -0.88
HB2 HYP A 18 6.16 7.36 -2.56
HB3 HYP A 18 4.88 7.81 -1.47
HG HYP A 18 3.34 6.35 -2.48
HD22 HYP A 18 5.46 4.91 -4.02
HD23 HYP A 18 3.95 4.32 -3.31
HD1 HYP A 18 3.72 6.53 -4.78
N HIS A 19 4.26 4.77 0.52
CA HIS A 19 3.48 4.70 1.81
C HIS A 19 4.43 4.29 2.93
N ARG A 20 4.23 4.84 4.09
CA ARG A 20 5.09 4.52 5.27
C ARG A 20 4.81 3.08 5.74
N CYS A 21 3.69 2.55 5.29
CA CYS A 21 3.27 1.16 5.67
C CYS A 21 3.87 0.17 4.66
N CY3 A 22 4.19 0.69 3.50
CA CY3 A 22 4.77 -0.13 2.39
C CY3 A 22 5.79 0.72 1.66
O CY3 A 22 5.81 0.83 0.45
CB CY3 A 22 3.57 -0.54 1.51
SG CY3 A 22 2.41 -1.64 2.35
N1 CY3 A 22 6.67 1.33 2.40
H CY3 A 22 4.07 1.64 3.34
HA CY3 A 22 5.25 -1.00 2.80
HB2 CY3 A 22 3.93 -1.00 0.60
HB3 CY3 A 22 3.03 0.35 1.22
HN11 CY3 A 22 6.65 1.23 3.37
HN12 CY3 A 22 7.35 1.89 1.98
N PCA A 1 -8.42 6.05 2.63
CA PCA A 1 -8.58 4.68 2.10
CB PCA A 1 -8.48 4.81 0.57
CG PCA A 1 -8.73 6.27 0.24
CD PCA A 1 -8.34 6.98 1.51
OE PCA A 1 -8.00 8.15 1.57
C PCA A 1 -7.54 3.72 2.69
O PCA A 1 -6.39 4.08 2.82
H PCA A 1 -8.38 6.30 3.63
HA PCA A 1 -9.57 4.33 2.36
HB2 PCA A 1 -9.21 4.16 0.10
HB3 PCA A 1 -7.50 4.49 0.23
HG2 PCA A 1 -9.77 6.43 0.02
HG3 PCA A 1 -8.11 6.58 -0.59
N ARG A 2 -8.00 2.53 3.01
CA ARG A 2 -7.09 1.49 3.59
C ARG A 2 -6.85 0.38 2.57
N LEU A 3 -6.21 0.76 1.49
CA LEU A 3 -5.89 -0.22 0.40
C LEU A 3 -4.48 -0.75 0.73
N CYS A 4 -3.51 0.08 0.44
CA CYS A 4 -2.08 -0.18 0.66
C CYS A 4 -1.82 -0.48 2.14
N CYS A 5 -2.25 0.46 2.95
CA CYS A 5 -2.08 0.34 4.42
C CYS A 5 -2.97 -0.75 5.02
N GLY A 6 -4.20 -0.78 4.60
CA GLY A 6 -5.16 -1.80 5.13
C GLY A 6 -4.70 -3.22 4.79
N PHE A 7 -4.10 -3.37 3.63
CA PHE A 7 -3.61 -4.72 3.20
C PHE A 7 -2.52 -4.66 2.09
N HYP A 8 -1.56 -5.56 2.20
CA HYP A 8 -0.35 -5.54 1.37
C HYP A 8 -0.63 -5.82 -0.11
O HYP A 8 0.26 -5.71 -0.93
CB HYP A 8 0.57 -6.58 2.01
CG HYP A 8 -0.38 -7.55 2.61
CD HYP A 8 -1.51 -6.71 3.14
OD1 HYP A 8 0.24 -8.28 3.66
HA HYP A 8 0.14 -4.58 1.44
HB2 HYP A 8 1.20 -6.11 2.75
HB3 HYP A 8 1.21 -7.04 1.27
HG HYP A 8 -0.75 -8.23 1.85
HD22 HYP A 8 -1.30 -6.38 4.15
HD23 HYP A 8 -2.44 -7.26 3.11
HD1 HYP A 8 0.45 -9.15 3.31
N LYS A 9 -1.86 -6.17 -0.40
CA LYS A 9 -2.23 -6.47 -1.82
C LYS A 9 -2.02 -5.19 -2.62
N SER A 10 -2.33 -4.04 -2.06
CA SER A 10 -2.13 -2.80 -2.84
C SER A 10 -0.66 -2.38 -2.73
N CYS A 11 0.01 -2.76 -1.65
CA CYS A 11 1.46 -2.39 -1.47
C CYS A 11 2.38 -2.90 -2.59
N ARG A 12 1.88 -3.80 -3.39
CA ARG A 12 2.71 -4.36 -4.51
C ARG A 12 2.74 -3.36 -5.67
N SER A 13 1.83 -2.43 -5.64
CA SER A 13 1.73 -1.36 -6.70
C SER A 13 2.78 -0.27 -6.45
N ARG A 14 3.20 0.33 -7.54
CA ARG A 14 4.22 1.42 -7.47
C ARG A 14 3.62 2.61 -6.70
N GLN A 15 2.33 2.76 -6.85
CA GLN A 15 1.58 3.87 -6.17
C GLN A 15 1.72 3.69 -4.66
N CYS A 16 1.49 2.48 -4.22
CA CYS A 16 1.57 2.16 -2.77
C CYS A 16 3.00 1.93 -2.23
N LYS A 17 3.93 1.72 -3.13
CA LYS A 17 5.34 1.48 -2.72
C LYS A 17 5.91 2.44 -1.64
N HYP A 18 5.68 3.74 -1.77
CA HYP A 18 6.30 4.74 -0.88
C HYP A 18 5.48 5.04 0.39
O HYP A 18 5.84 5.94 1.13
CB HYP A 18 6.48 5.94 -1.79
CG HYP A 18 5.32 5.86 -2.75
CD HYP A 18 4.83 4.43 -2.76
OD1 HYP A 18 5.73 6.26 -4.05
HA HYP A 18 7.29 4.42 -0.57
HB2 HYP A 18 7.43 5.88 -2.30
HB3 HYP A 18 6.48 6.86 -1.23
HG HYP A 18 4.53 6.52 -2.40
HD22 HYP A 18 4.94 4.00 -3.74
HD23 HYP A 18 3.80 4.39 -2.44
HD1 HYP A 18 6.32 5.58 -4.39
N HIS A 19 4.44 4.28 0.62
CA HIS A 19 3.59 4.50 1.84
C HIS A 19 4.32 4.11 3.11
N ARG A 20 4.05 4.83 4.15
CA ARG A 20 4.70 4.56 5.49
C ARG A 20 4.19 3.22 6.04
N CYS A 21 3.07 2.79 5.51
CA CYS A 21 2.45 1.50 5.95
C CYS A 21 3.08 0.34 5.18
N CY3 A 22 3.57 0.66 4.00
CA CY3 A 22 4.21 -0.35 3.11
C CY3 A 22 5.72 -0.06 3.14
O CY3 A 22 6.51 -0.73 2.52
CB CY3 A 22 3.69 -0.19 1.67
SG CY3 A 22 1.92 -0.31 1.32
N1 CY3 A 22 6.12 0.95 3.86
H CY3 A 22 3.52 1.58 3.69
HA CY3 A 22 4.03 -1.35 3.47
HB2 CY3 A 22 4.17 -0.95 1.07
HB3 CY3 A 22 4.02 0.77 1.31
HN11 CY3 A 22 5.47 1.48 4.36
HN12 CY3 A 22 7.06 1.19 3.90
N PCA A 1 -10.26 5.38 1.36
CA PCA A 1 -9.64 4.20 0.72
CB PCA A 1 -9.53 4.54 -0.77
CG PCA A 1 -9.56 6.06 -0.86
CD PCA A 1 -10.33 6.46 0.39
OE PCA A 1 -10.90 7.52 0.53
C PCA A 1 -8.28 3.87 1.37
O PCA A 1 -7.26 4.33 0.91
H PCA A 1 -10.58 5.43 2.33
HA PCA A 1 -10.31 3.35 0.84
HB2 PCA A 1 -10.36 4.11 -1.31
HB3 PCA A 1 -8.63 4.14 -1.20
HG2 PCA A 1 -10.07 6.39 -1.75
HG3 PCA A 1 -8.55 6.45 -0.83
N ARG A 2 -8.35 3.07 2.41
CA ARG A 2 -7.11 2.66 3.16
C ARG A 2 -6.62 1.36 2.49
N LEU A 3 -6.34 1.46 1.21
CA LEU A 3 -5.86 0.28 0.42
C LEU A 3 -4.49 -0.25 0.88
N CYS A 4 -3.45 0.31 0.31
CA CYS A 4 -2.02 -0.05 0.60
C CYS A 4 -1.71 -0.48 2.03
N CYS A 5 -2.11 0.32 2.97
CA CYS A 5 -1.83 0.01 4.40
C CYS A 5 -2.86 -1.00 4.97
N GLY A 6 -4.05 -0.97 4.42
CA GLY A 6 -5.14 -1.89 4.87
C GLY A 6 -4.84 -3.36 4.55
N PHE A 7 -4.34 -3.60 3.37
CA PHE A 7 -4.02 -5.01 2.96
C PHE A 7 -2.91 -5.10 1.89
N HYP A 8 -2.13 -6.16 1.96
CA HYP A 8 -0.91 -6.31 1.13
C HYP A 8 -1.20 -6.36 -0.38
O HYP A 8 -0.28 -6.36 -1.18
CB HYP A 8 -0.26 -7.60 1.65
CG HYP A 8 -1.39 -8.37 2.22
CD HYP A 8 -2.30 -7.34 2.83
OD1 HYP A 8 -0.92 -9.28 3.20
HA HYP A 8 -0.23 -5.50 1.32
HB2 HYP A 8 0.49 -7.35 2.39
HB3 HYP A 8 0.24 -8.13 0.84
HG HYP A 8 -1.89 -8.91 1.43
HD22 HYP A 8 -2.01 -7.12 3.84
HD23 HYP A 8 -3.32 -7.71 2.81
HD1 HYP A 8 -1.68 -9.64 3.67
N LYS A 9 -2.47 -6.39 -0.70
CA LYS A 9 -2.91 -6.44 -2.13
C LYS A 9 -2.51 -5.16 -2.85
N SER A 10 -2.67 -4.03 -2.20
CA SER A 10 -2.29 -2.75 -2.88
C SER A 10 -0.83 -2.43 -2.55
N CYS A 11 -0.44 -2.75 -1.35
CA CYS A 11 0.94 -2.52 -0.81
C CYS A 11 2.10 -2.79 -1.79
N ARG A 12 1.90 -3.71 -2.69
CA ARG A 12 2.95 -4.08 -3.71
C ARG A 12 3.05 -3.12 -4.92
N SER A 13 1.98 -2.43 -5.23
CA SER A 13 1.98 -1.48 -6.39
C SER A 13 2.92 -0.29 -6.18
N ARG A 14 3.44 0.20 -7.27
CA ARG A 14 4.37 1.38 -7.25
C ARG A 14 3.66 2.55 -6.55
N GLN A 15 2.35 2.50 -6.64
CA GLN A 15 1.47 3.55 -6.03
C GLN A 15 1.63 3.49 -4.51
N CYS A 16 1.67 2.30 -4.00
CA CYS A 16 1.82 2.06 -2.54
C CYS A 16 3.26 2.06 -1.99
N LYS A 17 4.22 1.77 -2.83
CA LYS A 17 5.65 1.76 -2.34
C LYS A 17 6.10 3.03 -1.56
N HYP A 18 5.72 4.22 -1.99
CA HYP A 18 6.03 5.46 -1.24
C HYP A 18 5.18 5.68 0.03
O HYP A 18 5.20 6.78 0.56
CB HYP A 18 5.85 6.56 -2.29
CG HYP A 18 4.78 6.02 -3.18
CD HYP A 18 4.97 4.53 -3.23
OD1 HYP A 18 4.89 6.58 -4.48
HA HYP A 18 7.07 5.46 -0.95
HB2 HYP A 18 6.77 6.71 -2.83
HB3 HYP A 18 5.57 7.49 -1.83
HG HYP A 18 3.81 6.26 -2.76
HD22 HYP A 18 5.54 4.26 -4.10
HD23 HYP A 18 4.00 4.05 -3.24
HD1 HYP A 18 5.73 6.30 -4.85
N HIS A 19 4.50 4.66 0.50
CA HIS A 19 3.66 4.80 1.74
C HIS A 19 4.45 4.39 2.98
N ARG A 20 4.13 5.01 4.08
CA ARG A 20 4.83 4.70 5.37
C ARG A 20 4.56 3.27 5.84
N CYS A 21 3.47 2.71 5.37
CA CYS A 21 3.08 1.31 5.75
C CYS A 21 3.70 0.28 4.81
N CY3 A 22 4.10 0.76 3.64
CA CY3 A 22 4.71 -0.12 2.62
C CY3 A 22 5.75 0.72 1.87
O CY3 A 22 5.76 0.83 0.66
CB CY3 A 22 3.57 -0.60 1.69
SG CY3 A 22 2.39 -1.71 2.51
N1 CY3 A 22 6.64 1.32 2.60
H CY3 A 22 4.00 1.71 3.45
HA CY3 A 22 5.21 -0.95 3.08
HB2 CY3 A 22 3.99 -1.12 0.84
HB3 CY3 A 22 3.02 0.25 1.33
HN11 CY3 A 22 6.62 1.22 3.57
HN12 CY3 A 22 7.32 1.88 2.18
N PCA A 1 -10.13 5.26 0.60
CA PCA A 1 -9.95 4.09 1.49
CB PCA A 1 -10.81 2.96 0.90
CG PCA A 1 -11.40 3.45 -0.41
CD PCA A 1 -10.87 4.85 -0.59
OE PCA A 1 -11.05 5.54 -1.58
C PCA A 1 -8.48 3.69 1.64
O PCA A 1 -7.66 4.12 0.86
H PCA A 1 -9.77 6.21 0.78
HA PCA A 1 -10.34 4.35 2.47
HB2 PCA A 1 -11.59 2.70 1.60
HB3 PCA A 1 -10.21 2.07 0.75
HG2 PCA A 1 -12.47 3.46 -0.37
HG3 PCA A 1 -11.06 2.83 -1.24
N ARG A 2 -8.22 2.88 2.64
CA ARG A 2 -6.83 2.40 2.91
C ARG A 2 -6.60 1.04 2.24
N LEU A 3 -6.21 1.07 0.99
CA LEU A 3 -5.96 -0.20 0.26
C LEU A 3 -4.55 -0.67 0.66
N CYS A 4 -3.59 0.07 0.17
CA CYS A 4 -2.13 -0.14 0.41
C CYS A 4 -1.84 -0.45 1.89
N CYS A 5 -2.30 0.45 2.72
CA CYS A 5 -2.09 0.30 4.20
C CYS A 5 -3.03 -0.74 4.83
N GLY A 6 -4.28 -0.69 4.46
CA GLY A 6 -5.28 -1.66 5.04
C GLY A 6 -4.86 -3.11 4.79
N PHE A 7 -4.22 -3.33 3.67
CA PHE A 7 -3.76 -4.69 3.30
C PHE A 7 -2.65 -4.66 2.21
N HYP A 8 -1.63 -5.47 2.43
CA HYP A 8 -0.38 -5.39 1.64
C HYP A 8 -0.56 -5.78 0.17
O HYP A 8 0.37 -5.64 -0.60
CB HYP A 8 0.59 -6.31 2.38
CG HYP A 8 -0.31 -7.32 3.00
CD HYP A 8 -1.54 -6.56 3.42
OD1 HYP A 8 0.33 -7.90 4.13
HA HYP A 8 0.02 -4.39 1.68
HB2 HYP A 8 1.14 -5.75 3.11
HB3 HYP A 8 1.29 -6.75 1.69
HG HYP A 8 -0.57 -8.08 2.29
HD22 HYP A 8 -1.42 -6.16 4.42
HD23 HYP A 8 -2.41 -7.20 3.37
HD1 HYP A 8 -0.30 -8.50 4.55
N LYS A 9 -1.75 -6.23 -0.17
CA LYS A 9 -2.00 -6.63 -1.58
C LYS A 9 -1.85 -5.39 -2.47
N SER A 10 -2.25 -4.24 -1.97
CA SER A 10 -2.10 -3.03 -2.82
C SER A 10 -0.66 -2.50 -2.74
N CYS A 11 0.10 -2.89 -1.73
CA CYS A 11 1.51 -2.42 -1.61
C CYS A 11 2.41 -2.93 -2.75
N ARG A 12 1.86 -3.77 -3.60
CA ARG A 12 2.62 -4.34 -4.75
C ARG A 12 2.63 -3.20 -5.81
N SER A 13 1.65 -2.32 -5.73
CA SER A 13 1.54 -1.19 -6.69
C SER A 13 2.66 -0.17 -6.41
N ARG A 14 3.17 0.38 -7.48
CA ARG A 14 4.27 1.40 -7.36
C ARG A 14 3.72 2.64 -6.62
N GLN A 15 2.43 2.84 -6.78
CA GLN A 15 1.75 4.00 -6.12
C GLN A 15 1.77 3.79 -4.60
N CYS A 16 1.59 2.54 -4.23
CA CYS A 16 1.57 2.17 -2.78
C CYS A 16 2.98 1.96 -2.20
N LYS A 17 3.93 1.69 -3.06
CA LYS A 17 5.35 1.45 -2.63
C LYS A 17 5.89 2.45 -1.57
N HYP A 18 5.67 3.74 -1.74
CA HYP A 18 6.29 4.76 -0.89
C HYP A 18 5.48 5.05 0.40
O HYP A 18 5.84 5.95 1.13
CB HYP A 18 6.43 5.97 -1.80
CG HYP A 18 5.40 5.79 -2.89
CD HYP A 18 4.83 4.39 -2.76
OD1 HYP A 18 6.01 5.97 -4.16
HA HYP A 18 7.28 4.47 -0.59
HB2 HYP A 18 7.42 6.00 -2.21
HB3 HYP A 18 6.26 6.89 -1.26
HG HYP A 18 4.61 6.51 -2.76
HD22 HYP A 18 4.86 3.88 -3.70
HD23 HYP A 18 3.81 4.45 -2.42
HD1 HYP A 18 5.81 5.21 -4.71
N HIS A 19 4.44 4.29 0.63
CA HIS A 19 3.60 4.50 1.85
C HIS A 19 4.34 4.10 3.11
N ARG A 20 3.99 4.77 4.18
CA ARG A 20 4.61 4.51 5.52
C ARG A 20 4.16 3.13 6.04
N CYS A 21 3.07 2.65 5.48
CA CYS A 21 2.50 1.34 5.87
C CYS A 21 3.15 0.22 5.03
N CY3 A 22 3.68 0.63 3.89
CA CY3 A 22 4.35 -0.32 2.96
C CY3 A 22 5.85 0.01 2.97
O CY3 A 22 6.65 -0.60 2.29
CB CY3 A 22 3.79 -0.13 1.54
SG CY3 A 22 2.02 -0.29 1.22
N1 CY3 A 22 6.25 0.98 3.75
H CY3 A 22 3.66 1.57 3.66
HA CY3 A 22 4.21 -1.34 3.29
HB2 CY3 A 22 4.29 -0.83 0.90
HB3 CY3 A 22 4.08 0.86 1.21
HN11 CY3 A 22 5.61 1.47 4.29
HN12 CY3 A 22 7.20 1.24 3.78
N PCA A 1 -9.57 4.06 4.59
CA PCA A 1 -8.10 3.93 4.73
CB PCA A 1 -7.87 2.85 5.79
CG PCA A 1 -9.16 2.05 5.87
CD PCA A 1 -10.21 2.98 5.32
OE PCA A 1 -11.41 2.84 5.49
C PCA A 1 -7.43 3.58 3.40
O PCA A 1 -8.08 3.22 2.45
H PCA A 1 -10.06 4.79 4.06
HA PCA A 1 -7.71 4.88 5.09
HB2 PCA A 1 -7.63 3.32 6.74
HB3 PCA A 1 -7.04 2.22 5.52
HG2 PCA A 1 -9.37 1.78 6.90
HG3 PCA A 1 -9.08 1.16 5.26
N ARG A 2 -6.12 3.71 3.40
CA ARG A 2 -5.33 3.41 2.17
C ARG A 2 -5.33 1.88 1.91
N LEU A 3 -5.90 1.51 0.80
CA LEU A 3 -5.98 0.06 0.39
C LEU A 3 -4.65 -0.68 0.66
N CYS A 4 -3.60 -0.01 0.27
CA CYS A 4 -2.19 -0.47 0.41
C CYS A 4 -1.87 -0.96 1.84
N CYS A 5 -1.94 -0.02 2.75
CA CYS A 5 -1.65 -0.32 4.19
C CYS A 5 -2.70 -1.24 4.82
N GLY A 6 -3.94 -0.93 4.54
CA GLY A 6 -5.10 -1.72 5.07
C GLY A 6 -4.94 -3.20 4.73
N PHE A 7 -4.42 -3.44 3.55
CA PHE A 7 -4.20 -4.84 3.09
C PHE A 7 -3.18 -4.95 1.93
N HYP A 8 -2.27 -5.89 2.07
CA HYP A 8 -1.04 -5.94 1.27
C HYP A 8 -1.29 -6.21 -0.22
O HYP A 8 -0.35 -6.22 -1.00
CB HYP A 8 -0.19 -7.03 1.93
CG HYP A 8 -1.22 -7.93 2.52
CD HYP A 8 -2.32 -7.03 3.01
OD1 HYP A 8 -0.65 -8.66 3.60
HA HYP A 8 -0.50 -5.01 1.37
HB2 HYP A 8 0.45 -6.60 2.68
HB3 HYP A 8 0.42 -7.54 1.21
HG HYP A 8 -1.60 -8.61 1.77
HD22 HYP A 8 -2.12 -6.71 4.03
HD23 HYP A 8 -3.27 -7.54 2.96
HD1 HYP A 8 -1.35 -9.20 4.00
N LYS A 9 -2.54 -6.40 -0.56
CA LYS A 9 -2.91 -6.66 -1.98
C LYS A 9 -2.47 -5.43 -2.77
N SER A 10 -2.76 -4.25 -2.26
CA SER A 10 -2.34 -3.04 -3.03
C SER A 10 -0.90 -2.61 -2.71
N CYS A 11 -0.44 -2.95 -1.53
CA CYS A 11 0.96 -2.62 -1.07
C CYS A 11 2.09 -2.95 -2.06
N ARG A 12 1.84 -3.90 -2.92
CA ARG A 12 2.87 -4.31 -3.93
C ARG A 12 2.93 -3.36 -5.15
N SER A 13 2.02 -2.43 -5.18
CA SER A 13 1.94 -1.44 -6.30
C SER A 13 2.94 -0.30 -6.08
N ARG A 14 3.45 0.20 -7.18
CA ARG A 14 4.45 1.31 -7.15
C ARG A 14 3.83 2.51 -6.43
N GLN A 15 2.55 2.69 -6.65
CA GLN A 15 1.79 3.81 -6.02
C GLN A 15 1.80 3.64 -4.49
N CYS A 16 1.79 2.41 -4.07
CA CYS A 16 1.79 2.09 -2.61
C CYS A 16 3.18 2.11 -1.96
N LYS A 17 4.21 1.92 -2.74
CA LYS A 17 5.59 1.92 -2.16
C LYS A 17 5.95 3.19 -1.34
N HYP A 18 5.63 4.38 -1.82
CA HYP A 18 5.86 5.62 -1.05
C HYP A 18 5.06 5.72 0.27
O HYP A 18 5.28 6.66 1.02
CB HYP A 18 5.52 6.74 -2.03
CG HYP A 18 4.57 6.12 -2.98
CD HYP A 18 5.03 4.69 -3.13
OD1 HYP A 18 4.57 6.77 -4.23
HA HYP A 18 6.91 5.72 -0.81
HB2 HYP A 18 6.42 7.09 -2.53
HB3 HYP A 18 5.09 7.59 -1.52
HG HYP A 18 3.57 6.14 -2.55
HD22 HYP A 18 5.76 4.62 -3.92
HD23 HYP A 18 4.18 4.08 -3.35
HD1 HYP A 18 3.98 6.30 -4.82
N HIS A 19 4.19 4.77 0.52
CA HIS A 19 3.39 4.82 1.78
C HIS A 19 4.27 4.47 2.99
N ARG A 20 3.93 5.00 4.13
CA ARG A 20 4.72 4.73 5.36
C ARG A 20 4.59 3.25 5.79
N CYS A 21 3.57 2.60 5.29
CA CYS A 21 3.31 1.17 5.63
C CYS A 21 3.97 0.23 4.61
N CY3 A 22 4.33 0.76 3.47
CA CY3 A 22 4.98 -0.05 2.39
C CY3 A 22 6.12 0.71 1.73
O CY3 A 22 6.49 0.45 0.60
CB CY3 A 22 3.84 -0.44 1.42
SG CY3 A 22 2.60 -1.50 2.19
N1 CY3 A 22 6.70 1.66 2.40
H CY3 A 22 4.18 1.71 3.30
HA CY3 A 22 5.39 -0.95 2.83
HB2 CY3 A 22 4.25 -0.93 0.55
HB3 CY3 A 22 3.34 0.47 1.08
HN11 CY3 A 22 6.39 1.86 3.31
HN12 CY3 A 22 7.43 2.17 2.01
N PCA A 1 -10.84 3.69 2.50
CA PCA A 1 -9.42 4.09 2.63
CB PCA A 1 -9.45 5.42 3.39
CG PCA A 1 -10.71 5.34 4.26
CD PCA A 1 -11.62 4.41 3.50
OE PCA A 1 -12.81 4.28 3.70
C PCA A 1 -8.62 2.97 3.33
O PCA A 1 -7.80 3.24 4.20
H PCA A 1 -11.22 3.02 1.81
HA PCA A 1 -9.01 4.23 1.64
HB2 PCA A 1 -9.51 6.23 2.69
HB3 PCA A 1 -8.56 5.55 3.99
HG2 PCA A 1 -11.15 6.33 4.35
HG3 PCA A 1 -10.47 4.95 5.24
N ARG A 2 -8.90 1.76 2.93
CA ARG A 2 -8.23 0.56 3.51
C ARG A 2 -7.40 -0.14 2.43
N LEU A 3 -6.77 0.66 1.62
CA LEU A 3 -5.92 0.13 0.52
C LEU A 3 -4.54 -0.24 1.10
N CYS A 4 -3.51 0.37 0.57
CA CYS A 4 -2.08 0.18 0.98
C CYS A 4 -1.97 -0.01 2.51
N CYS A 5 -2.65 0.87 3.21
CA CYS A 5 -2.68 0.88 4.70
C CYS A 5 -3.81 -0.05 5.20
N GLY A 6 -3.87 -1.22 4.63
CA GLY A 6 -4.92 -2.21 5.01
C GLY A 6 -4.45 -3.63 4.66
N PHE A 7 -3.84 -3.76 3.51
CA PHE A 7 -3.34 -5.09 3.05
C PHE A 7 -2.26 -5.03 1.94
N HYP A 8 -1.41 -6.03 1.91
CA HYP A 8 -0.25 -6.05 0.99
C HYP A 8 -0.65 -6.05 -0.50
O HYP A 8 0.20 -5.84 -1.34
CB HYP A 8 0.54 -7.30 1.38
CG HYP A 8 -0.48 -8.18 2.02
CD HYP A 8 -1.42 -7.25 2.73
OD1 HYP A 8 0.13 -9.08 2.92
HA HYP A 8 0.38 -5.19 1.17
HB2 HYP A 8 1.33 -7.03 2.07
HB3 HYP A 8 0.99 -7.76 0.51
HG HYP A 8 -1.01 -8.73 1.25
HD22 HYP A 8 -1.07 -7.05 3.73
HD23 HYP A 8 -2.40 -7.69 2.77
HD1 HYP A 8 0.61 -8.57 3.58
N LYS A 9 -1.92 -6.26 -0.75
CA LYS A 9 -2.42 -6.29 -2.16
C LYS A 9 -2.15 -4.91 -2.78
N SER A 10 -2.44 -3.87 -2.04
CA SER A 10 -2.20 -2.51 -2.58
C SER A 10 -0.69 -2.22 -2.51
N CYS A 11 -0.03 -2.71 -1.49
CA CYS A 11 1.45 -2.48 -1.37
C CYS A 11 2.23 -3.15 -2.51
N ARG A 12 1.53 -3.97 -3.26
CA ARG A 12 2.16 -4.69 -4.41
C ARG A 12 2.30 -3.70 -5.59
N SER A 13 1.69 -2.56 -5.45
CA SER A 13 1.71 -1.50 -6.51
C SER A 13 2.75 -0.43 -6.17
N ARG A 14 3.35 0.10 -7.20
CA ARG A 14 4.38 1.17 -7.04
C ARG A 14 3.73 2.40 -6.39
N GLN A 15 2.44 2.52 -6.59
CA GLN A 15 1.66 3.67 -6.04
C GLN A 15 1.74 3.63 -4.50
N CYS A 16 1.59 2.46 -3.96
CA CYS A 16 1.66 2.27 -2.47
C CYS A 16 3.07 2.12 -1.91
N LYS A 17 4.00 1.76 -2.77
CA LYS A 17 5.42 1.58 -2.35
C LYS A 17 5.99 2.72 -1.45
N HYP A 18 5.87 3.97 -1.85
CA HYP A 18 6.47 5.10 -1.10
C HYP A 18 5.77 5.43 0.22
O HYP A 18 6.22 6.31 0.93
CB HYP A 18 6.43 6.26 -2.10
CG HYP A 18 5.18 5.97 -2.87
CD HYP A 18 5.16 4.48 -3.05
OD1 HYP A 18 5.21 6.62 -4.14
HA HYP A 18 7.51 4.90 -0.89
HB2 HYP A 18 7.31 6.24 -2.72
HB3 HYP A 18 6.39 7.20 -1.60
HG HYP A 18 4.32 6.29 -2.32
HD22 HYP A 18 5.70 4.22 -3.95
HD23 HYP A 18 4.16 4.12 -3.09
HD1 HYP A 18 5.37 7.55 -3.98
N HIS A 19 4.70 4.72 0.53
CA HIS A 19 3.97 4.99 1.80
C HIS A 19 4.61 4.32 3.00
N ARG A 20 4.34 4.89 4.15
CA ARG A 20 4.88 4.36 5.45
C ARG A 20 4.16 3.04 5.73
N CYS A 21 2.97 2.96 5.18
CA CYS A 21 2.09 1.77 5.34
C CYS A 21 2.70 0.55 4.62
N CY3 A 22 3.54 0.86 3.66
CA CY3 A 22 4.23 -0.19 2.86
C CY3 A 22 5.74 0.10 2.88
O CY3 A 22 6.52 -0.48 2.16
CB CY3 A 22 3.69 -0.14 1.44
SG CY3 A 22 1.91 -0.32 1.17
N1 CY3 A 22 6.20 1.01 3.70
H CY3 A 22 3.72 1.80 3.47
HA CY3 A 22 4.05 -1.17 3.30
HB2 CY3 A 22 4.18 -0.90 0.85
HB3 CY3 A 22 3.98 0.82 1.02
HN11 CY3 A 22 5.57 1.50 4.29
HN12 CY3 A 22 7.15 1.23 3.72
N PCA A 1 -11.75 2.72 0.91
CA PCA A 1 -11.58 1.36 1.48
CB PCA A 1 -11.79 0.39 0.31
CG PCA A 1 -11.47 1.19 -0.95
CD PCA A 1 -11.81 2.60 -0.55
OE PCA A 1 -12.10 3.49 -1.33
C PCA A 1 -10.20 1.19 2.15
O PCA A 1 -9.43 2.12 2.22
H PCA A 1 -11.80 3.60 1.44
HA PCA A 1 -12.34 1.21 2.22
HB2 PCA A 1 -12.82 0.05 0.30
HB3 PCA A 1 -11.16 -0.48 0.40
HG2 PCA A 1 -12.08 0.87 -1.77
HG3 PCA A 1 -10.41 1.11 -1.20
N ARG A 2 -9.95 0.00 2.62
CA ARG A 2 -8.66 -0.32 3.30
C ARG A 2 -7.60 -0.51 2.21
N LEU A 3 -6.97 0.59 1.86
CA LEU A 3 -5.89 0.59 0.80
C LEU A 3 -4.59 -0.14 1.21
N CYS A 4 -3.53 0.24 0.54
CA CYS A 4 -2.15 -0.29 0.72
C CYS A 4 -1.80 -0.67 2.17
N CYS A 5 -1.90 0.31 3.03
CA CYS A 5 -1.58 0.08 4.47
C CYS A 5 -2.48 -1.02 5.06
N GLY A 6 -3.69 -1.04 4.56
CA GLY A 6 -4.70 -2.03 5.00
C GLY A 6 -4.45 -3.44 4.44
N PHE A 7 -3.88 -3.56 3.26
CA PHE A 7 -3.63 -4.94 2.70
C PHE A 7 -2.56 -5.10 1.59
N HYP A 8 -1.96 -6.26 1.55
CA HYP A 8 -0.96 -6.63 0.52
C HYP A 8 -1.52 -6.56 -0.91
O HYP A 8 -0.77 -6.62 -1.86
CB HYP A 8 -0.49 -8.04 0.90
CG HYP A 8 -1.61 -8.57 1.72
CD HYP A 8 -2.12 -7.39 2.49
OD1 HYP A 8 -1.15 -9.59 2.59
HA HYP A 8 -0.09 -6.00 0.58
HB2 HYP A 8 0.44 -7.98 1.46
HB3 HYP A 8 -0.31 -8.64 0.02
HG HYP A 8 -2.38 -8.96 1.07
HD22 HYP A 8 -1.55 -7.24 3.40
HD23 HYP A 8 -3.16 -7.55 2.73
HD1 HYP A 8 -0.76 -10.29 2.05
N LYS A 9 -2.82 -6.44 -0.98
CA LYS A 9 -3.53 -6.37 -2.29
C LYS A 9 -2.99 -5.13 -3.00
N SER A 10 -2.97 -4.01 -2.31
CA SER A 10 -2.44 -2.77 -2.96
C SER A 10 -0.97 -2.55 -2.64
N CYS A 11 -0.62 -2.68 -1.38
CA CYS A 11 0.79 -2.49 -0.87
C CYS A 11 1.92 -3.01 -1.78
N ARG A 12 1.60 -3.97 -2.61
CA ARG A 12 2.60 -4.57 -3.55
C ARG A 12 2.66 -3.76 -4.87
N SER A 13 2.14 -2.57 -4.86
CA SER A 13 2.14 -1.70 -6.09
C SER A 13 3.09 -0.50 -5.93
N ARG A 14 3.50 0.00 -7.07
CA ARG A 14 4.43 1.18 -7.14
C ARG A 14 3.77 2.33 -6.36
N GLN A 15 2.50 2.53 -6.67
CA GLN A 15 1.70 3.61 -6.03
C GLN A 15 1.76 3.50 -4.49
N CYS A 16 1.81 2.27 -4.03
CA CYS A 16 1.89 2.03 -2.56
C CYS A 16 3.29 2.12 -1.95
N LYS A 17 4.31 1.98 -2.77
CA LYS A 17 5.71 2.07 -2.23
C LYS A 17 5.99 3.34 -1.39
N HYP A 18 5.60 4.52 -1.85
CA HYP A 18 5.82 5.77 -1.09
C HYP A 18 5.02 5.86 0.23
O HYP A 18 5.18 6.83 0.95
CB HYP A 18 5.47 6.88 -2.07
CG HYP A 18 4.48 6.25 -2.98
CD HYP A 18 4.92 4.82 -3.12
OD1 HYP A 18 4.48 6.90 -4.24
HA HYP A 18 6.87 5.87 -0.84
HB2 HYP A 18 6.35 7.21 -2.59
HB3 HYP A 18 5.05 7.74 -1.55
HG HYP A 18 3.50 6.30 -2.55
HD22 HYP A 18 5.60 4.71 -3.95
HD23 HYP A 18 4.05 4.20 -3.27
HD1 HYP A 18 5.33 6.73 -4.66
N HIS A 19 4.21 4.87 0.53
CA HIS A 19 3.41 4.91 1.80
C HIS A 19 4.31 4.54 2.98
N ARG A 20 4.05 5.15 4.11
CA ARG A 20 4.86 4.85 5.33
C ARG A 20 4.60 3.44 5.85
N CYS A 21 3.53 2.85 5.38
CA CYS A 21 3.14 1.46 5.80
C CYS A 21 3.75 0.43 4.83
N CY3 A 22 4.11 0.90 3.67
CA CY3 A 22 4.70 0.04 2.61
C CY3 A 22 5.80 0.81 1.88
O CY3 A 22 5.95 0.76 0.67
CB CY3 A 22 3.54 -0.37 1.68
SG CY3 A 22 2.32 -1.44 2.48
N1 CY3 A 22 6.59 1.55 2.60
H CY3 A 22 3.99 1.86 3.47
HA CY3 A 22 5.15 -0.84 3.06
HB2 CY3 A 22 3.92 -0.86 0.80
HB3 CY3 A 22 3.02 0.52 1.35
HN11 CY3 A 22 6.46 1.59 3.58
HN12 CY3 A 22 7.30 2.06 2.19
N PCA A 1 -9.22 5.41 4.43
CA PCA A 1 -8.68 4.61 3.31
CB PCA A 1 -7.99 5.61 2.37
CG PCA A 1 -7.84 6.91 3.15
CD PCA A 1 -8.89 6.81 4.23
OE PCA A 1 -9.36 7.75 4.83
C PCA A 1 -7.70 3.53 3.82
O PCA A 1 -6.65 3.85 4.33
H PCA A 1 -9.76 5.03 5.22
HA PCA A 1 -9.50 4.13 2.80
HB2 PCA A 1 -8.60 5.75 1.49
HB3 PCA A 1 -7.04 5.24 2.04
HG2 PCA A 1 -8.02 7.76 2.51
HG3 PCA A 1 -6.85 6.97 3.58
N ARG A 2 -8.11 2.29 3.66
CA ARG A 2 -7.29 1.13 4.10
C ARG A 2 -6.93 0.23 2.90
N LEU A 3 -6.43 0.84 1.86
CA LEU A 3 -6.03 0.09 0.63
C LEU A 3 -4.56 -0.32 0.81
N CYS A 4 -3.68 0.24 0.02
CA CYS A 4 -2.21 -0.02 0.06
C CYS A 4 -1.64 -0.29 1.46
N CYS A 5 -1.88 0.67 2.32
CA CYS A 5 -1.37 0.56 3.72
C CYS A 5 -2.28 -0.33 4.57
N GLY A 6 -3.57 -0.23 4.35
CA GLY A 6 -4.54 -1.06 5.13
C GLY A 6 -4.25 -2.55 4.98
N PHE A 7 -3.78 -2.91 3.82
CA PHE A 7 -3.45 -4.33 3.52
C PHE A 7 -2.47 -4.51 2.33
N HYP A 8 -1.58 -5.47 2.48
CA HYP A 8 -0.44 -5.63 1.57
C HYP A 8 -0.86 -6.04 0.15
O HYP A 8 -0.02 -6.11 -0.72
CB HYP A 8 0.44 -6.67 2.25
CG HYP A 8 -0.52 -7.49 3.03
CD HYP A 8 -1.56 -6.52 3.52
OD1 HYP A 8 0.14 -8.13 4.12
HA HYP A 8 0.12 -4.71 1.50
HB2 HYP A 8 1.18 -6.18 2.87
HB3 HYP A 8 0.98 -7.26 1.51
HG HYP A 8 -0.97 -8.23 2.38
HD22 HYP A 8 -1.28 -6.11 4.48
HD23 HYP A 8 -2.52 -7.02 3.60
HD1 HYP A 8 -0.27 -8.98 4.24
N LYS A 9 -2.14 -6.30 -0.02
CA LYS A 9 -2.64 -6.71 -1.36
C LYS A 9 -2.38 -5.56 -2.34
N SER A 10 -2.56 -4.33 -1.90
CA SER A 10 -2.31 -3.20 -2.83
C SER A 10 -0.83 -2.74 -2.80
N CYS A 11 -0.09 -3.08 -1.77
CA CYS A 11 1.36 -2.68 -1.69
C CYS A 11 2.26 -3.14 -2.86
N ARG A 12 1.72 -3.93 -3.76
CA ARG A 12 2.53 -4.41 -4.93
C ARG A 12 2.62 -3.28 -5.98
N SER A 13 1.76 -2.31 -5.84
CA SER A 13 1.73 -1.15 -6.79
C SER A 13 2.84 -0.14 -6.46
N ARG A 14 3.46 0.34 -7.51
CA ARG A 14 4.57 1.35 -7.38
C ARG A 14 4.05 2.56 -6.60
N GLN A 15 2.80 2.88 -6.86
CA GLN A 15 2.11 4.02 -6.19
C GLN A 15 1.91 3.74 -4.69
N CYS A 16 1.77 2.49 -4.36
CA CYS A 16 1.57 2.09 -2.92
C CYS A 16 2.85 1.99 -2.09
N LYS A 17 3.97 1.71 -2.73
CA LYS A 17 5.26 1.60 -1.98
C LYS A 17 5.59 2.82 -1.09
N HYP A 18 5.41 4.04 -1.57
CA HYP A 18 5.60 5.25 -0.73
C HYP A 18 4.59 5.41 0.44
O HYP A 18 4.50 6.49 0.98
CB HYP A 18 5.53 6.40 -1.74
CG HYP A 18 4.68 5.88 -2.82
CD HYP A 18 5.01 4.42 -2.94
OD1 HYP A 18 4.94 6.54 -4.06
HA HYP A 18 6.59 5.26 -0.31
HB2 HYP A 18 6.53 6.65 -2.08
HB3 HYP A 18 5.11 7.30 -1.29
HG HYP A 18 3.63 6.00 -2.56
HD22 HYP A 18 5.84 4.28 -3.63
HD23 HYP A 18 4.15 3.89 -3.28
HD1 HYP A 18 4.52 6.04 -4.76
N HIS A 19 3.89 4.36 0.80
CA HIS A 19 2.90 4.46 1.92
C HIS A 19 3.55 4.03 3.24
N ARG A 20 3.08 4.61 4.31
CA ARG A 20 3.60 4.31 5.68
C ARG A 20 3.72 2.82 6.06
N CYS A 21 2.88 1.99 5.51
CA CYS A 21 2.93 0.52 5.83
C CYS A 21 3.91 -0.28 4.95
N CY3 A 22 4.22 0.24 3.79
CA CY3 A 22 5.15 -0.44 2.84
C CY3 A 22 6.15 0.54 2.26
O CY3 A 22 6.69 0.34 1.18
CB CY3 A 22 4.29 -1.11 1.74
SG CY3 A 22 3.25 -2.51 2.23
N1 CY3 A 22 6.41 1.61 2.93
H CY3 A 22 3.83 1.11 3.53
HA CY3 A 22 5.70 -1.20 3.38
HB2 CY3 A 22 4.94 -1.43 0.93
HB3 CY3 A 22 3.64 -0.36 1.33
HN11 CY3 A 22 5.98 1.77 3.80
HN12 CY3 A 22 7.05 2.27 2.58
N PCA A 1 -11.76 2.67 3.93
CA PCA A 1 -10.70 2.14 4.79
CB PCA A 1 -11.06 0.67 5.03
CG PCA A 1 -12.56 0.57 4.83
CD PCA A 1 -12.85 1.68 3.86
OE PCA A 1 -13.82 1.74 3.13
C PCA A 1 -9.31 2.32 4.17
O PCA A 1 -9.18 3.02 3.17
H PCA A 1 -11.75 3.58 3.44
HA PCA A 1 -10.73 2.67 5.73
HB2 PCA A 1 -10.78 0.38 6.03
HB3 PCA A 1 -10.53 0.02 4.35
HG2 PCA A 1 -13.09 0.74 5.76
HG3 PCA A 1 -12.84 -0.38 4.42
N ARG A 2 -8.33 1.68 4.76
CA ARG A 2 -6.95 1.78 4.24
C ARG A 2 -6.72 0.76 3.11
N LEU A 3 -6.22 1.28 2.02
CA LEU A 3 -5.92 0.46 0.80
C LEU A 3 -4.59 -0.27 1.08
N CYS A 4 -3.54 0.17 0.43
CA CYS A 4 -2.15 -0.37 0.54
C CYS A 4 -1.78 -0.85 1.95
N CYS A 5 -1.92 0.06 2.88
CA CYS A 5 -1.60 -0.24 4.31
C CYS A 5 -2.60 -1.20 4.97
N GLY A 6 -3.86 -0.98 4.70
CA GLY A 6 -4.92 -1.85 5.29
C GLY A 6 -4.75 -3.32 4.88
N PHE A 7 -4.30 -3.51 3.66
CA PHE A 7 -4.09 -4.89 3.13
C PHE A 7 -3.12 -4.94 1.92
N HYP A 8 -2.20 -5.88 1.99
CA HYP A 8 -0.99 -5.89 1.16
C HYP A 8 -1.28 -6.11 -0.33
O HYP A 8 -0.37 -6.06 -1.14
CB HYP A 8 -0.12 -6.98 1.76
CG HYP A 8 -1.11 -7.94 2.32
CD HYP A 8 -2.21 -7.07 2.88
OD1 HYP A 8 -0.51 -8.71 3.34
HA HYP A 8 -0.48 -4.95 1.26
HB2 HYP A 8 0.53 -6.57 2.52
HB3 HYP A 8 0.50 -7.45 1.00
HG HYP A 8 -1.49 -8.57 1.54
HD22 HYP A 8 -1.98 -6.79 3.90
HD23 HYP A 8 -3.15 -7.59 2.83
HD1 HYP A 8 -0.14 -8.12 4.00
N LYS A 9 -2.55 -6.34 -0.64
CA LYS A 9 -2.95 -6.57 -2.06
C LYS A 9 -2.53 -5.31 -2.82
N SER A 10 -2.80 -4.15 -2.26
CA SER A 10 -2.41 -2.91 -2.99
C SER A 10 -0.93 -2.57 -2.73
N CYS A 11 -0.43 -2.90 -1.57
CA CYS A 11 1.00 -2.63 -1.18
C CYS A 11 2.05 -3.10 -2.22
N ARG A 12 1.62 -3.94 -3.12
CA ARG A 12 2.50 -4.49 -4.20
C ARG A 12 2.70 -3.51 -5.38
N SER A 13 1.90 -2.47 -5.42
CA SER A 13 2.00 -1.47 -6.53
C SER A 13 2.98 -0.33 -6.21
N ARG A 14 3.61 0.15 -7.25
CA ARG A 14 4.60 1.26 -7.15
C ARG A 14 3.96 2.47 -6.44
N GLN A 15 2.68 2.62 -6.68
CA GLN A 15 1.90 3.75 -6.08
C GLN A 15 1.88 3.59 -4.54
N CYS A 16 1.85 2.35 -4.10
CA CYS A 16 1.82 2.06 -2.64
C CYS A 16 3.17 2.10 -1.93
N LYS A 17 4.25 1.78 -2.60
CA LYS A 17 5.57 1.82 -1.89
C LYS A 17 5.91 3.14 -1.15
N HYP A 18 5.65 4.30 -1.72
CA HYP A 18 5.87 5.58 -1.02
C HYP A 18 5.05 5.75 0.29
O HYP A 18 5.26 6.72 1.00
CB HYP A 18 5.55 6.66 -2.06
CG HYP A 18 4.64 5.97 -3.02
CD HYP A 18 5.12 4.54 -3.07
OD1 HYP A 18 4.72 6.57 -4.30
HA HYP A 18 6.91 5.69 -0.76
HB2 HYP A 18 6.46 7.00 -2.53
HB3 HYP A 18 5.07 7.51 -1.60
HG HYP A 18 3.63 6.02 -2.65
HD22 HYP A 18 5.89 4.41 -3.83
HD23 HYP A 18 4.27 3.92 -3.31
HD1 HYP A 18 5.40 6.13 -4.81
N HIS A 19 4.16 4.83 0.55
CA HIS A 19 3.33 4.91 1.81
C HIS A 19 4.13 4.58 3.06
N ARG A 20 3.68 5.14 4.15
CA ARG A 20 4.34 4.94 5.48
C ARG A 20 4.14 3.51 6.04
N CYS A 21 3.64 2.62 5.21
CA CYS A 21 3.39 1.20 5.62
C CYS A 21 4.08 0.25 4.63
N CY3 A 22 4.41 0.77 3.48
CA CY3 A 22 5.08 -0.05 2.42
C CY3 A 22 6.24 0.72 1.76
O CY3 A 22 6.74 0.35 0.72
CB CY3 A 22 3.97 -0.44 1.40
SG CY3 A 22 2.75 -1.56 2.14
N1 CY3 A 22 6.68 1.79 2.35
H CY3 A 22 4.23 1.71 3.31
HA CY3 A 22 5.49 -0.94 2.85
HB2 CY3 A 22 4.41 -0.91 0.53
HB3 CY3 A 22 3.45 0.45 1.09
HN11 CY3 A 22 6.28 2.08 3.20
HN12 CY3 A 22 7.42 2.29 1.97
N PCA A 1 -10.31 3.04 5.09
CA PCA A 1 -9.11 3.07 4.24
CB PCA A 1 -8.28 4.26 4.75
CG PCA A 1 -8.72 4.50 6.19
CD PCA A 1 -10.14 3.98 6.20
OE PCA A 1 -10.98 4.30 7.00
C PCA A 1 -8.36 1.73 4.30
O PCA A 1 -7.31 1.63 4.89
H PCA A 1 -11.15 2.45 4.94
HA PCA A 1 -9.41 3.25 3.22
HB2 PCA A 1 -8.48 5.13 4.13
HB3 PCA A 1 -7.22 4.06 4.68
HG2 PCA A 1 -8.70 5.55 6.42
HG3 PCA A 1 -8.10 3.94 6.87
N ARG A 2 -8.95 0.74 3.68
CA ARG A 2 -8.36 -0.63 3.64
C ARG A 2 -7.54 -0.79 2.34
N LEU A 3 -6.83 0.26 2.01
CA LEU A 3 -5.99 0.25 0.77
C LEU A 3 -4.57 -0.24 1.14
N CYS A 4 -3.58 0.28 0.46
CA CYS A 4 -2.13 -0.06 0.67
C CYS A 4 -1.80 -0.35 2.15
N CYS A 5 -2.12 0.60 2.99
CA CYS A 5 -1.85 0.44 4.46
C CYS A 5 -3.04 -0.28 5.11
N GLY A 6 -3.49 -1.31 4.44
CA GLY A 6 -4.64 -2.13 4.94
C GLY A 6 -4.54 -3.58 4.43
N PHE A 7 -3.98 -3.75 3.24
CA PHE A 7 -3.85 -5.13 2.68
C PHE A 7 -2.76 -5.30 1.59
N HYP A 8 -2.16 -6.47 1.56
CA HYP A 8 -1.05 -6.78 0.63
C HYP A 8 -1.46 -6.67 -0.85
O HYP A 8 -0.61 -6.73 -1.72
CB HYP A 8 -0.60 -8.20 1.02
CG HYP A 8 -1.80 -8.78 1.67
CD HYP A 8 -2.45 -7.65 2.42
OD1 HYP A 8 -1.42 -9.82 2.57
HA HYP A 8 -0.22 -6.12 0.81
HB2 HYP A 8 0.24 -8.14 1.69
HB3 HYP A 8 -0.30 -8.76 0.15
HG HYP A 8 -2.47 -9.17 0.92
HD22 HYP A 8 -2.02 -7.53 3.39
HD23 HYP A 8 -3.52 -7.83 2.49
HD1 HYP A 8 -2.18 -10.03 3.11
N LYS A 9 -2.75 -6.51 -1.05
CA LYS A 9 -3.29 -6.39 -2.44
C LYS A 9 -2.79 -5.10 -3.09
N SER A 10 -2.83 -4.00 -2.37
CA SER A 10 -2.35 -2.73 -2.97
C SER A 10 -0.90 -2.48 -2.60
N CYS A 11 -0.59 -2.74 -1.35
CA CYS A 11 0.79 -2.56 -0.78
C CYS A 11 1.94 -3.07 -1.68
N ARG A 12 1.62 -3.99 -2.54
CA ARG A 12 2.62 -4.58 -3.49
C ARG A 12 2.64 -3.78 -4.81
N SER A 13 2.18 -2.55 -4.74
CA SER A 13 2.15 -1.65 -5.94
C SER A 13 3.10 -0.47 -5.77
N ARG A 14 3.53 0.05 -6.90
CA ARG A 14 4.46 1.22 -6.90
C ARG A 14 3.72 2.43 -6.33
N GLN A 15 2.41 2.41 -6.48
CA GLN A 15 1.55 3.51 -5.96
C GLN A 15 1.66 3.50 -4.43
N CYS A 16 1.74 2.31 -3.90
CA CYS A 16 1.86 2.11 -2.43
C CYS A 16 3.31 2.16 -1.92
N LYS A 17 4.25 2.06 -2.82
CA LYS A 17 5.69 2.10 -2.44
C LYS A 17 6.02 3.34 -1.58
N HYP A 18 5.64 4.53 -1.99
CA HYP A 18 5.92 5.76 -1.20
C HYP A 18 5.06 5.91 0.08
O HYP A 18 4.95 7.01 0.59
CB HYP A 18 5.70 6.88 -2.22
CG HYP A 18 4.64 6.35 -3.10
CD HYP A 18 4.91 4.88 -3.22
OD1 HYP A 18 4.71 6.97 -4.38
HA HYP A 18 6.95 5.78 -0.91
HB2 HYP A 18 6.62 7.08 -2.75
HB3 HYP A 18 5.40 7.80 -1.73
HG HYP A 18 3.66 6.52 -2.66
HD22 HYP A 18 5.51 4.71 -4.09
HD23 HYP A 18 3.98 4.35 -3.29
HD1 HYP A 18 3.86 6.85 -4.81
N HIS A 19 4.49 4.83 0.56
CA HIS A 19 3.64 4.91 1.80
C HIS A 19 4.49 4.54 3.02
N ARG A 20 4.21 5.18 4.13
CA ARG A 20 4.97 4.90 5.39
C ARG A 20 4.57 3.54 5.99
N CYS A 21 3.75 2.82 5.26
CA CYS A 21 3.27 1.47 5.70
C CYS A 21 3.79 0.42 4.72
N CY3 A 22 4.09 0.89 3.52
CA CY3 A 22 4.60 0.00 2.43
C CY3 A 22 5.63 0.78 1.63
O CY3 A 22 5.64 0.78 0.41
CB CY3 A 22 3.37 -0.42 1.59
SG CY3 A 22 2.18 -1.44 2.49
N1 CY3 A 22 6.52 1.46 2.30
H CY3 A 22 3.99 1.84 3.33
HA CY3 A 22 5.08 -0.87 2.86
HB2 CY3 A 22 3.71 -0.96 0.72
HB3 CY3 A 22 2.86 0.46 1.26
HN11 CY3 A 22 6.50 1.45 3.27
HN12 CY3 A 22 7.19 1.98 1.83
N PCA A 1 -7.09 7.09 1.00
CA PCA A 1 -6.80 5.82 0.33
CB PCA A 1 -6.05 6.18 -0.96
CG PCA A 1 -5.47 7.57 -0.73
CD PCA A 1 -6.40 8.17 0.29
OE PCA A 1 -6.56 9.36 0.48
C PCA A 1 -6.00 4.88 1.25
O PCA A 1 -4.81 5.10 1.45
H PCA A 1 -7.69 7.21 1.83
HA PCA A 1 -7.74 5.34 0.08
HB2 PCA A 1 -6.73 6.18 -1.79
HB3 PCA A 1 -5.28 5.45 -1.17
HG2 PCA A 1 -5.48 8.14 -1.64
HG3 PCA A 1 -4.47 7.50 -0.32
N ARG A 2 -6.66 3.89 1.77
CA ARG A 2 -6.02 2.90 2.67
C ARG A 2 -6.21 1.51 2.05
N LEU A 3 -5.62 1.34 0.89
CA LEU A 3 -5.70 0.05 0.15
C LEU A 3 -4.44 -0.73 0.55
N CYS A 4 -3.37 -0.03 0.30
CA CYS A 4 -1.97 -0.44 0.55
C CYS A 4 -1.74 -0.90 2.00
N CYS A 5 -1.96 0.04 2.89
CA CYS A 5 -1.77 -0.22 4.35
C CYS A 5 -2.95 -1.06 4.88
N GLY A 6 -4.10 -0.82 4.31
CA GLY A 6 -5.33 -1.56 4.74
C GLY A 6 -5.18 -3.06 4.47
N PHE A 7 -4.55 -3.36 3.36
CA PHE A 7 -4.33 -4.78 2.96
C PHE A 7 -3.20 -4.96 1.92
N HYP A 8 -2.44 -6.03 2.09
CA HYP A 8 -1.14 -6.21 1.40
C HYP A 8 -1.26 -6.38 -0.12
O HYP A 8 -0.26 -6.42 -0.80
CB HYP A 8 -0.52 -7.43 2.09
CG HYP A 8 -1.70 -8.21 2.52
CD HYP A 8 -2.74 -7.20 2.94
OD1 HYP A 8 -1.36 -9.06 3.61
HA HYP A 8 -0.50 -5.36 1.60
HB2 HYP A 8 0.08 -7.11 2.92
HB3 HYP A 8 0.11 -7.97 1.41
HG HYP A 8 -2.07 -8.82 1.70
HD22 HYP A 8 -2.63 -6.96 3.98
HD23 HYP A 8 -3.73 -7.58 2.74
HD1 HYP A 8 -2.17 -9.42 3.97
N LYS A 9 -2.48 -6.45 -0.60
CA LYS A 9 -2.68 -6.62 -2.06
C LYS A 9 -2.28 -5.35 -2.79
N SER A 10 -2.49 -4.18 -2.22
CA SER A 10 -2.08 -2.94 -2.95
C SER A 10 -0.65 -2.55 -2.54
N CYS A 11 -0.30 -2.91 -1.34
CA CYS A 11 1.05 -2.62 -0.75
C CYS A 11 2.27 -2.77 -1.69
N ARG A 12 2.21 -3.71 -2.59
CA ARG A 12 3.34 -3.96 -3.56
C ARG A 12 3.33 -2.98 -4.76
N SER A 13 2.19 -2.40 -5.03
CA SER A 13 2.03 -1.45 -6.16
C SER A 13 3.00 -0.26 -6.07
N ARG A 14 3.22 0.34 -7.21
CA ARG A 14 4.14 1.52 -7.29
C ARG A 14 3.48 2.70 -6.55
N GLN A 15 2.17 2.72 -6.62
CA GLN A 15 1.38 3.81 -5.96
C GLN A 15 1.54 3.64 -4.43
N CYS A 16 1.57 2.39 -4.02
CA CYS A 16 1.73 2.04 -2.58
C CYS A 16 3.18 2.01 -2.09
N LYS A 17 4.09 1.90 -3.02
CA LYS A 17 5.55 1.85 -2.69
C LYS A 17 6.05 3.01 -1.79
N HYP A 18 5.63 4.24 -2.03
CA HYP A 18 6.02 5.39 -1.18
C HYP A 18 5.25 5.51 0.15
O HYP A 18 5.46 6.46 0.87
CB HYP A 18 5.83 6.60 -2.09
CG HYP A 18 4.63 6.20 -2.90
CD HYP A 18 4.76 4.71 -3.13
OD1 HYP A 18 4.62 6.89 -4.14
HA HYP A 18 7.08 5.34 -0.94
HB2 HYP A 18 6.70 6.74 -2.70
HB3 HYP A 18 5.65 7.49 -1.52
HG HYP A 18 3.73 6.41 -2.35
HD22 HYP A 18 5.22 4.53 -4.09
HD23 HYP A 18 3.79 4.25 -3.06
HD1 HYP A 18 3.91 6.52 -4.67
N HIS A 19 4.39 4.56 0.44
CA HIS A 19 3.61 4.63 1.73
C HIS A 19 4.48 4.26 2.93
N ARG A 20 4.18 4.86 4.04
CA ARG A 20 4.94 4.59 5.30
C ARG A 20 4.68 3.17 5.81
N CYS A 21 3.63 2.56 5.30
CA CYS A 21 3.25 1.17 5.71
C CYS A 21 3.84 0.17 4.72
N CY3 A 22 4.18 0.67 3.55
CA CY3 A 22 4.76 -0.16 2.47
C CY3 A 22 5.74 0.69 1.69
O CY3 A 22 5.68 0.84 0.49
CB CY3 A 22 3.58 -0.66 1.61
SG CY3 A 22 2.46 -1.78 2.48
N1 CY3 A 22 6.66 1.28 2.39
H CY3 A 22 4.06 1.63 3.37
HA CY3 A 22 5.29 -1.01 2.90
HB2 CY3 A 22 3.96 -1.14 0.72
HB3 CY3 A 22 3.01 0.20 1.29
HN11 CY3 A 22 6.70 1.15 3.36
HN12 CY3 A 22 7.32 1.86 1.96
N PCA A 1 -10.71 4.21 3.75
CA PCA A 1 -9.64 3.67 2.87
CB PCA A 1 -8.80 4.89 2.44
CG PCA A 1 -9.13 6.00 3.43
CD PCA A 1 -10.50 5.64 3.94
OE PCA A 1 -11.29 6.42 4.42
C PCA A 1 -8.80 2.61 3.60
O PCA A 1 -8.16 2.92 4.58
H PCA A 1 -11.47 3.65 4.16
HA PCA A 1 -10.10 3.23 2.00
HB2 PCA A 1 -9.07 5.18 1.43
HB3 PCA A 1 -7.76 4.66 2.44
HG2 PCA A 1 -9.13 6.96 2.93
HG3 PCA A 1 -8.41 6.00 4.24
N ARG A 2 -8.84 1.41 3.07
CA ARG A 2 -8.07 0.27 3.68
C ARG A 2 -7.38 -0.52 2.55
N LEU A 3 -6.74 0.21 1.67
CA LEU A 3 -6.00 -0.38 0.52
C LEU A 3 -4.52 -0.56 0.86
N CYS A 4 -3.62 0.09 0.15
CA CYS A 4 -2.14 0.01 0.37
C CYS A 4 -1.78 -0.18 1.85
N CYS A 5 -2.38 0.62 2.69
CA CYS A 5 -2.11 0.53 4.15
C CYS A 5 -2.93 -0.56 4.85
N GLY A 6 -4.15 -0.73 4.40
CA GLY A 6 -5.06 -1.77 4.99
C GLY A 6 -4.59 -3.22 4.76
N PHE A 7 -4.00 -3.47 3.62
CA PHE A 7 -3.52 -4.85 3.30
C PHE A 7 -2.46 -4.86 2.17
N HYP A 8 -1.56 -5.82 2.25
CA HYP A 8 -0.34 -5.86 1.41
C HYP A 8 -0.61 -6.04 -0.09
O HYP A 8 0.26 -5.75 -0.88
CB HYP A 8 0.50 -6.98 2.00
CG HYP A 8 -0.51 -7.90 2.61
CD HYP A 8 -1.59 -7.01 3.14
OD1 HYP A 8 0.09 -8.64 3.66
HA HYP A 8 0.22 -4.94 1.53
HB2 HYP A 8 1.19 -6.58 2.73
HB3 HYP A 8 1.08 -7.47 1.23
HG HYP A 8 -0.89 -8.57 1.85
HD22 HYP A 8 -1.39 -6.72 4.16
HD23 HYP A 8 -2.54 -7.52 3.07
HD1 HYP A 8 0.56 -8.03 4.24
N LYS A 9 -1.78 -6.53 -0.43
CA LYS A 9 -2.08 -6.72 -1.88
C LYS A 9 -2.02 -5.38 -2.60
N SER A 10 -2.42 -4.32 -1.94
CA SER A 10 -2.36 -2.99 -2.61
C SER A 10 -0.89 -2.53 -2.60
N CYS A 11 -0.14 -2.90 -1.57
CA CYS A 11 1.31 -2.49 -1.50
C CYS A 11 2.16 -2.99 -2.69
N ARG A 12 1.57 -3.81 -3.52
CA ARG A 12 2.32 -4.36 -4.69
C ARG A 12 2.38 -3.28 -5.80
N SER A 13 1.62 -2.24 -5.59
CA SER A 13 1.56 -1.11 -6.56
C SER A 13 2.74 -0.16 -6.32
N ARG A 14 3.25 0.38 -7.40
CA ARG A 14 4.40 1.33 -7.33
C ARG A 14 3.94 2.60 -6.59
N GLN A 15 2.66 2.84 -6.68
CA GLN A 15 2.02 4.03 -6.03
C GLN A 15 1.96 3.79 -4.51
N CYS A 16 1.70 2.54 -4.15
CA CYS A 16 1.61 2.17 -2.70
C CYS A 16 2.97 1.97 -2.03
N LYS A 17 3.96 1.65 -2.81
CA LYS A 17 5.34 1.43 -2.27
C LYS A 17 5.79 2.60 -1.35
N HYP A 18 5.75 3.83 -1.81
CA HYP A 18 6.22 4.98 -1.01
C HYP A 18 5.43 5.22 0.29
O HYP A 18 5.82 6.08 1.07
CB HYP A 18 6.14 6.17 -1.97
CG HYP A 18 5.07 5.76 -2.93
CD HYP A 18 5.26 4.29 -3.13
OD1 HYP A 18 5.21 6.44 -4.17
HA HYP A 18 7.25 4.85 -0.75
HB2 HYP A 18 7.09 6.31 -2.47
HB3 HYP A 18 5.89 7.07 -1.46
HG HYP A 18 4.10 5.97 -2.51
HD22 HYP A 18 5.98 4.10 -3.90
HD23 HYP A 18 4.31 3.85 -3.37
HD1 HYP A 18 4.76 5.94 -4.85
N HIS A 19 4.38 4.48 0.50
CA HIS A 19 3.56 4.65 1.75
C HIS A 19 4.33 4.17 2.97
N ARG A 20 4.14 4.89 4.05
CA ARG A 20 4.83 4.56 5.34
C ARG A 20 4.27 3.24 5.90
N CYS A 21 3.12 2.86 5.38
CA CYS A 21 2.44 1.60 5.81
C CYS A 21 3.07 0.41 5.08
N CY3 A 22 3.57 0.69 3.90
CA CY3 A 22 4.22 -0.35 3.04
C CY3 A 22 5.71 -0.01 3.03
O CY3 A 22 6.52 -0.68 2.40
CB CY3 A 22 3.66 -0.26 1.61
SG CY3 A 22 1.88 -0.42 1.31
N1 CY3 A 22 6.12 1.01 3.72
H CY3 A 22 3.52 1.61 3.56
HA CY3 A 22 4.06 -1.34 3.46
HB2 CY3 A 22 4.15 -1.02 1.03
HB3 CY3 A 22 3.96 0.69 1.21
HN11 CY3 A 22 5.47 1.55 4.23
HN12 CY3 A 22 7.06 1.28 3.73
N PCA A 1 -8.52 5.93 2.15
CA PCA A 1 -8.93 4.53 2.36
CB PCA A 1 -9.54 4.05 1.03
CG PCA A 1 -8.94 4.97 -0.04
CD PCA A 1 -8.64 6.24 0.72
OE PCA A 1 -8.52 7.34 0.22
C PCA A 1 -7.76 3.65 2.81
O PCA A 1 -6.61 3.98 2.54
H PCA A 1 -8.21 6.59 2.88
HA PCA A 1 -9.70 4.51 3.12
HB2 PCA A 1 -10.62 4.15 1.06
HB3 PCA A 1 -9.30 3.02 0.84
HG2 PCA A 1 -9.66 5.15 -0.82
HG3 PCA A 1 -8.04 4.54 -0.43
N ARG A 2 -8.10 2.57 3.46
CA ARG A 2 -7.08 1.60 3.97
C ARG A 2 -6.74 0.59 2.85
N LEU A 3 -6.26 1.12 1.76
CA LEU A 3 -5.88 0.30 0.58
C LEU A 3 -4.52 -0.38 0.83
N CYS A 4 -3.50 0.12 0.18
CA CYS A 4 -2.10 -0.39 0.29
C CYS A 4 -1.61 -0.62 1.72
N CYS A 5 -1.75 0.42 2.50
CA CYS A 5 -1.32 0.40 3.93
C CYS A 5 -2.31 -0.33 4.83
N GLY A 6 -3.50 -0.53 4.32
CA GLY A 6 -4.54 -1.25 5.12
C GLY A 6 -4.43 -2.75 4.90
N PHE A 7 -4.00 -3.11 3.72
CA PHE A 7 -3.83 -4.55 3.35
C PHE A 7 -2.90 -4.80 2.14
N HYP A 8 -2.13 -5.87 2.24
CA HYP A 8 -1.00 -6.15 1.34
C HYP A 8 -1.44 -6.42 -0.10
O HYP A 8 -0.61 -6.59 -0.97
CB HYP A 8 -0.28 -7.33 1.97
CG HYP A 8 -1.36 -8.04 2.70
CD HYP A 8 -2.26 -6.96 3.24
OD1 HYP A 8 -0.82 -8.83 3.75
HA HYP A 8 -0.33 -5.31 1.34
HB2 HYP A 8 0.50 -6.98 2.64
HB3 HYP A 8 0.19 -7.95 1.22
HG HYP A 8 -1.91 -8.67 2.00
HD22 HYP A 8 -1.91 -6.64 4.21
HD23 HYP A 8 -3.27 -7.32 3.30
HD1 HYP A 8 -1.54 -9.07 4.34
N LYS A 9 -2.74 -6.45 -0.29
CA LYS A 9 -3.31 -6.71 -1.65
C LYS A 9 -2.83 -5.60 -2.59
N SER A 10 -2.82 -4.37 -2.11
CA SER A 10 -2.36 -3.26 -3.01
C SER A 10 -0.87 -2.92 -2.82
N CYS A 11 -0.41 -3.08 -1.60
CA CYS A 11 1.00 -2.80 -1.17
C CYS A 11 2.15 -3.09 -2.16
N ARG A 12 1.96 -4.03 -3.06
CA ARG A 12 3.01 -4.39 -4.05
C ARG A 12 3.07 -3.41 -5.24
N SER A 13 2.26 -2.37 -5.20
CA SER A 13 2.24 -1.36 -6.30
C SER A 13 3.25 -0.22 -6.09
N ARG A 14 3.60 0.38 -7.20
CA ARG A 14 4.56 1.53 -7.19
C ARG A 14 3.83 2.70 -6.50
N GLN A 15 2.54 2.74 -6.71
CA GLN A 15 1.68 3.79 -6.12
C GLN A 15 1.65 3.57 -4.59
N CYS A 16 1.86 2.34 -4.21
CA CYS A 16 1.86 1.94 -2.77
C CYS A 16 3.26 2.08 -2.14
N LYS A 17 4.27 2.15 -2.97
CA LYS A 17 5.67 2.29 -2.46
C LYS A 17 5.87 3.47 -1.45
N HYP A 18 5.34 4.64 -1.72
CA HYP A 18 5.48 5.79 -0.81
C HYP A 18 4.61 5.73 0.46
O HYP A 18 4.55 6.70 1.19
CB HYP A 18 5.17 7.00 -1.70
CG HYP A 18 4.14 6.46 -2.65
CD HYP A 18 4.53 5.03 -2.91
OD1 HYP A 18 4.16 7.21 -3.85
HA HYP A 18 6.51 5.90 -0.50
HB2 HYP A 18 6.06 7.33 -2.21
HB3 HYP A 18 4.80 7.82 -1.11
HG HYP A 18 3.17 6.51 -2.19
HD22 HYP A 18 5.11 4.95 -3.81
HD23 HYP A 18 3.64 4.44 -2.98
HD1 HYP A 18 5.01 7.08 -4.27
N HIS A 19 3.97 4.61 0.71
CA HIS A 19 3.10 4.49 1.93
C HIS A 19 3.92 4.14 3.15
N ARG A 20 3.44 4.58 4.29
CA ARG A 20 4.12 4.33 5.59
C ARG A 20 4.19 2.84 5.93
N CYS A 21 3.31 2.08 5.33
CA CYS A 21 3.26 0.60 5.55
C CYS A 21 4.01 -0.17 4.46
N CY3 A 22 4.23 0.47 3.35
CA CY3 A 22 4.94 -0.19 2.20
C CY3 A 22 5.87 0.78 1.51
O CY3 A 22 6.04 0.79 0.31
CB CY3 A 22 3.83 -0.73 1.29
SG CY3 A 22 2.78 -1.96 2.11
N1 CY3 A 22 6.51 1.63 2.27
H CY3 A 22 3.95 1.41 3.24
HA CY3 A 22 5.53 -1.01 2.58
HB2 CY3 A 22 4.26 -1.17 0.40
HB3 CY3 A 22 3.19 0.09 0.98
HN11 CY3 A 22 6.37 1.62 3.24
HN12 CY3 A 22 7.12 2.29 1.88
#